data_5UCA
#
_entry.id   5UCA
#
_cell.length_a   77.363
_cell.length_b   83.920
_cell.length_c   138.297
_cell.angle_alpha   90.000
_cell.angle_beta   90.000
_cell.angle_gamma   90.000
#
_symmetry.space_group_name_H-M   'P 21 21 21'
#
loop_
_entity.id
_entity.type
_entity.pdbx_description
1 polymer 'Heme oxygenase 2'
2 non-polymer 'LAURIC ACID'
3 water water
#
_entity_poly.entity_id   1
_entity_poly.type   'polypeptide(L)'
_entity_poly.pdbx_seq_one_letter_code
;MGSSHHHHHHSSGMADLSELLKEGTKEAHDRAENTQFVKDFLKGNIKKELFKLATTALYFTYSALEEEMERNKDHPAFAP
LYFPMELHRKEALTKDMEYFFGENWEEQVQCPKAAQKYVERIHYIGQNEPELLVAHAYTRYMGDLSGGQVLKKVAQRALK
LPSTGEGTQFYLFENVDNAQQFKQLYRARMNALDLNMKTKERIVEEANKAFEYNMQIFNELDQAGS
;
_entity_poly.pdbx_strand_id   A,B,C,D
#
loop_
_chem_comp.id
_chem_comp.type
_chem_comp.name
_chem_comp.formula
DAO non-polymer 'LAURIC ACID' 'C12 H24 O2'
#
# COMPACT_ATOMS: atom_id res chain seq x y z
N ALA A 15 5.88 22.11 -26.27
CA ALA A 15 4.51 22.62 -26.20
C ALA A 15 4.06 22.72 -24.75
N ASP A 16 2.79 23.08 -24.56
CA ASP A 16 2.23 23.34 -23.23
C ASP A 16 1.73 22.05 -22.59
N LEU A 17 1.90 21.95 -21.26
CA LEU A 17 1.47 20.76 -20.53
C LEU A 17 0.01 20.46 -20.78
N SER A 18 -0.86 21.47 -20.67
CA SER A 18 -2.29 21.25 -20.92
C SER A 18 -2.53 20.70 -22.32
N GLU A 19 -1.65 21.03 -23.26
CA GLU A 19 -1.81 20.56 -24.64
C GLU A 19 -1.46 19.09 -24.76
N LEU A 20 -0.25 18.71 -24.32
CA LEU A 20 0.14 17.31 -24.27
C LEU A 20 -0.92 16.43 -23.61
N LEU A 21 -1.61 16.96 -22.60
CA LEU A 21 -2.62 16.18 -21.91
C LEU A 21 -3.88 16.04 -22.73
N LYS A 22 -4.27 17.08 -23.46
CA LYS A 22 -5.46 16.98 -24.30
C LYS A 22 -5.26 15.98 -25.43
N GLU A 23 -4.05 15.93 -25.99
CA GLU A 23 -3.76 15.02 -27.09
C GLU A 23 -3.35 13.64 -26.59
N GLY A 24 -2.43 13.58 -25.62
CA GLY A 24 -1.91 12.33 -25.10
C GLY A 24 -2.91 11.49 -24.31
N THR A 25 -4.07 12.03 -23.95
CA THR A 25 -5.06 11.29 -23.19
C THR A 25 -6.40 11.14 -23.88
N LYS A 26 -6.55 11.64 -25.12
CA LYS A 26 -7.85 11.62 -25.78
C LYS A 26 -8.39 10.20 -25.91
N GLU A 27 -7.52 9.24 -26.22
CA GLU A 27 -8.00 7.88 -26.45
C GLU A 27 -8.33 7.16 -25.14
N ALA A 28 -7.48 7.28 -24.13
CA ALA A 28 -7.83 6.74 -22.81
C ALA A 28 -9.08 7.41 -22.24
N HIS A 29 -9.20 8.73 -22.42
CA HIS A 29 -10.42 9.43 -22.01
C HIS A 29 -11.65 8.87 -22.72
N ASP A 30 -11.52 8.54 -24.01
CA ASP A 30 -12.66 8.03 -24.76
C ASP A 30 -13.02 6.60 -24.37
N ARG A 31 -12.00 5.75 -24.18
CA ARG A 31 -12.28 4.39 -23.69
C ARG A 31 -13.13 4.44 -22.43
N ALA A 32 -12.69 5.22 -21.44
CA ALA A 32 -13.48 5.42 -20.24
C ALA A 32 -14.89 5.92 -20.56
N GLU A 33 -14.99 6.87 -21.49
CA GLU A 33 -16.27 7.51 -21.79
C GLU A 33 -17.29 6.56 -22.41
N ASN A 34 -16.83 5.47 -23.01
CA ASN A 34 -17.70 4.60 -23.80
C ASN A 34 -18.05 3.30 -23.09
N THR A 35 -17.62 3.13 -21.83
CA THR A 35 -17.95 1.92 -21.09
C THR A 35 -19.46 1.82 -20.91
N GLN A 36 -19.92 0.59 -20.64
CA GLN A 36 -21.36 0.34 -20.56
C GLN A 36 -21.97 1.06 -19.38
N PHE A 37 -21.19 1.28 -18.32
CA PHE A 37 -21.70 2.02 -17.18
C PHE A 37 -22.02 3.47 -17.56
N VAL A 38 -21.07 4.14 -18.21
CA VAL A 38 -21.27 5.54 -18.56
C VAL A 38 -22.49 5.71 -19.45
N LYS A 39 -22.61 4.86 -20.47
CA LYS A 39 -23.71 5.00 -21.42
C LYS A 39 -25.07 4.83 -20.74
N ASP A 40 -25.22 3.77 -19.95
CA ASP A 40 -26.49 3.59 -19.23
C ASP A 40 -26.72 4.68 -18.21
N PHE A 41 -25.65 5.35 -17.76
CA PHE A 41 -25.82 6.54 -16.93
C PHE A 41 -26.48 7.66 -17.73
N LEU A 42 -25.87 8.03 -18.86
CA LEU A 42 -26.41 9.11 -19.68
C LEU A 42 -27.82 8.81 -20.20
N LYS A 43 -28.23 7.54 -20.22
CA LYS A 43 -29.58 7.18 -20.65
C LYS A 43 -30.58 7.13 -19.51
N GLY A 44 -30.14 7.33 -18.27
CA GLY A 44 -31.03 7.26 -17.12
C GLY A 44 -31.27 5.88 -16.58
N ASN A 45 -30.48 4.89 -17.00
CA ASN A 45 -30.71 3.51 -16.58
C ASN A 45 -29.67 3.05 -15.55
N ILE A 46 -29.58 3.75 -14.42
CA ILE A 46 -28.75 3.30 -13.30
C ILE A 46 -29.61 3.43 -12.05
N LYS A 47 -29.99 2.29 -11.48
CA LYS A 47 -30.85 2.31 -10.30
C LYS A 47 -30.10 2.85 -9.09
N LYS A 48 -30.87 3.11 -8.01
CA LYS A 48 -30.33 3.77 -6.83
C LYS A 48 -29.14 3.02 -6.24
N GLU A 49 -29.29 1.71 -6.00
CA GLU A 49 -28.24 0.99 -5.30
C GLU A 49 -26.92 1.03 -6.06
N LEU A 50 -26.97 0.96 -7.40
CA LEU A 50 -25.73 1.04 -8.16
C LEU A 50 -25.15 2.44 -8.08
N PHE A 51 -26.02 3.46 -8.14
CA PHE A 51 -25.57 4.83 -8.02
C PHE A 51 -24.93 5.09 -6.65
N LYS A 52 -25.48 4.49 -5.60
CA LYS A 52 -24.85 4.62 -4.28
C LYS A 52 -23.47 3.98 -4.28
N LEU A 53 -23.36 2.76 -4.81
CA LEU A 53 -22.06 2.12 -4.94
C LEU A 53 -21.08 3.01 -5.71
N ALA A 54 -21.53 3.68 -6.77
CA ALA A 54 -20.63 4.55 -7.52
C ALA A 54 -20.26 5.80 -6.72
N THR A 55 -21.22 6.37 -5.97
CA THR A 55 -20.91 7.50 -5.11
C THR A 55 -19.95 7.10 -3.98
N THR A 56 -20.11 5.89 -3.44
CA THR A 56 -19.16 5.35 -2.48
C THR A 56 -17.74 5.34 -3.04
N ALA A 57 -17.57 4.98 -4.31
CA ALA A 57 -16.24 4.96 -4.89
C ALA A 57 -15.68 6.37 -5.08
N LEU A 58 -16.52 7.31 -5.51
CA LEU A 58 -16.09 8.72 -5.54
C LEU A 58 -15.64 9.18 -4.17
N TYR A 59 -16.35 8.79 -3.11
CA TYR A 59 -15.97 9.28 -1.78
C TYR A 59 -14.56 8.83 -1.39
N PHE A 60 -14.26 7.54 -1.51
CA PHE A 60 -12.93 7.10 -1.11
C PHE A 60 -11.86 7.64 -2.06
N THR A 61 -12.18 7.72 -3.36
CA THR A 61 -11.22 8.24 -4.33
C THR A 61 -10.88 9.69 -4.05
N TYR A 62 -11.90 10.57 -3.95
CA TYR A 62 -11.64 11.98 -3.72
C TYR A 62 -11.10 12.25 -2.33
N SER A 63 -11.46 11.38 -1.37
CA SER A 63 -10.91 11.54 -0.02
C SER A 63 -9.40 11.34 -0.02
N ALA A 64 -8.93 10.30 -0.72
CA ALA A 64 -7.49 10.07 -0.85
C ALA A 64 -6.81 11.19 -1.62
N LEU A 65 -7.41 11.62 -2.73
CA LEU A 65 -6.78 12.64 -3.56
C LEU A 65 -6.65 13.96 -2.80
N GLU A 66 -7.69 14.36 -2.08
CA GLU A 66 -7.63 15.63 -1.36
C GLU A 66 -6.74 15.54 -0.14
N GLU A 67 -6.64 14.36 0.49
CA GLU A 67 -5.64 14.17 1.53
C GLU A 67 -4.23 14.40 0.97
N GLU A 68 -3.94 13.81 -0.21
CA GLU A 68 -2.62 13.98 -0.80
C GLU A 68 -2.35 15.41 -1.25
N MET A 69 -3.38 16.14 -1.69
CA MET A 69 -3.17 17.53 -2.11
C MET A 69 -2.96 18.42 -0.91
N GLU A 70 -3.70 18.18 0.17
CA GLU A 70 -3.42 18.87 1.43
C GLU A 70 -1.98 18.61 1.87
N ARG A 71 -1.56 17.34 1.86
CA ARG A 71 -0.20 17.02 2.30
C ARG A 71 0.83 17.80 1.49
N ASN A 72 0.61 17.95 0.18
CA ASN A 72 1.54 18.64 -0.70
C ASN A 72 1.12 20.07 -1.01
N LYS A 73 0.39 20.71 -0.11
CA LYS A 73 -0.18 22.03 -0.40
C LYS A 73 0.88 23.11 -0.53
N ASP A 74 2.10 22.88 -0.01
CA ASP A 74 3.20 23.83 -0.11
C ASP A 74 4.27 23.38 -1.09
N HIS A 75 4.13 22.20 -1.67
CA HIS A 75 5.18 21.67 -2.51
C HIS A 75 5.25 22.46 -3.82
N PRO A 76 6.44 22.90 -4.24
CA PRO A 76 6.52 23.81 -5.39
C PRO A 76 5.96 23.24 -6.69
N ALA A 77 6.08 21.92 -6.91
CA ALA A 77 5.50 21.32 -8.11
C ALA A 77 3.98 21.09 -8.01
N PHE A 78 3.34 21.56 -6.95
CA PHE A 78 1.89 21.45 -6.85
C PHE A 78 1.21 22.66 -6.24
N ALA A 79 1.86 23.43 -5.37
CA ALA A 79 1.18 24.46 -4.60
C ALA A 79 0.33 25.41 -5.43
N PRO A 80 0.72 25.85 -6.64
CA PRO A 80 -0.16 26.74 -7.41
C PRO A 80 -1.53 26.15 -7.71
N LEU A 81 -1.70 24.84 -7.70
CA LEU A 81 -2.97 24.22 -8.06
C LEU A 81 -3.79 23.78 -6.86
N TYR A 82 -3.45 24.24 -5.65
CA TYR A 82 -4.16 23.82 -4.44
C TYR A 82 -5.35 24.76 -4.27
N PHE A 83 -6.56 24.23 -4.43
CA PHE A 83 -7.78 25.04 -4.47
C PHE A 83 -8.84 24.37 -3.59
N PRO A 84 -8.61 24.30 -2.28
CA PRO A 84 -9.59 23.61 -1.43
C PRO A 84 -10.99 24.20 -1.49
N MET A 85 -11.13 25.52 -1.49
CA MET A 85 -12.48 26.10 -1.47
C MET A 85 -13.19 25.91 -2.80
N GLU A 86 -12.48 26.07 -3.91
CA GLU A 86 -13.12 25.98 -5.21
C GLU A 86 -13.38 24.53 -5.63
N LEU A 87 -12.43 23.63 -5.38
CA LEU A 87 -12.45 22.33 -6.03
C LEU A 87 -12.78 21.15 -5.13
N HIS A 88 -12.45 21.19 -3.83
CA HIS A 88 -12.54 19.96 -3.04
C HIS A 88 -13.97 19.45 -2.93
N ARG A 89 -14.10 18.13 -2.94
CA ARG A 89 -15.36 17.42 -3.07
C ARG A 89 -15.70 16.55 -1.87
N LYS A 90 -14.77 16.37 -0.92
CA LYS A 90 -14.99 15.42 0.17
C LYS A 90 -16.22 15.78 0.98
N GLU A 91 -16.41 17.08 1.25
CA GLU A 91 -17.55 17.47 2.06
C GLU A 91 -18.86 17.24 1.31
N ALA A 92 -18.96 17.74 0.08
CA ALA A 92 -20.15 17.50 -0.72
C ALA A 92 -20.44 16.01 -0.83
N LEU A 93 -19.40 15.19 -0.96
CA LEU A 93 -19.60 13.75 -1.05
C LEU A 93 -20.01 13.15 0.28
N THR A 94 -19.57 13.74 1.38
CA THR A 94 -20.03 13.31 2.69
C THR A 94 -21.53 13.53 2.83
N LYS A 95 -22.03 14.68 2.36
CA LYS A 95 -23.47 14.96 2.42
C LYS A 95 -24.25 13.92 1.64
N ASP A 96 -23.86 13.70 0.39
CA ASP A 96 -24.52 12.69 -0.44
C ASP A 96 -24.50 11.31 0.23
N MET A 97 -23.36 10.91 0.80
CA MET A 97 -23.31 9.64 1.52
C MET A 97 -24.30 9.63 2.68
N GLU A 98 -24.39 10.73 3.44
CA GLU A 98 -25.37 10.85 4.51
C GLU A 98 -26.80 10.80 3.97
N TYR A 99 -27.03 11.43 2.82
CA TYR A 99 -28.39 11.45 2.27
C TYR A 99 -28.83 10.06 1.80
N PHE A 100 -27.93 9.27 1.21
CA PHE A 100 -28.31 7.96 0.69
C PHE A 100 -28.29 6.85 1.72
N PHE A 101 -27.41 6.94 2.72
CA PHE A 101 -27.15 5.83 3.63
C PHE A 101 -27.61 6.06 5.05
N GLY A 102 -27.91 7.30 5.43
CA GLY A 102 -28.14 7.65 6.82
C GLY A 102 -26.86 8.06 7.52
N GLU A 103 -27.03 8.54 8.76
CA GLU A 103 -25.91 9.19 9.45
C GLU A 103 -24.85 8.20 9.89
N ASN A 104 -25.18 6.92 9.99
CA ASN A 104 -24.14 5.93 10.27
C ASN A 104 -23.56 5.34 8.98
N TRP A 105 -23.41 6.15 7.93
CA TRP A 105 -23.06 5.59 6.62
C TRP A 105 -21.67 4.93 6.61
N GLU A 106 -20.71 5.47 7.35
CA GLU A 106 -19.35 4.96 7.24
C GLU A 106 -19.25 3.52 7.69
N GLU A 107 -20.07 3.09 8.64
CA GLU A 107 -20.09 1.68 9.01
C GLU A 107 -20.75 0.80 7.94
N GLN A 108 -21.48 1.40 7.01
CA GLN A 108 -22.25 0.62 6.06
C GLN A 108 -21.52 0.34 4.75
N VAL A 109 -20.48 1.09 4.43
CA VAL A 109 -19.85 1.00 3.12
C VAL A 109 -18.44 0.44 3.27
N GLN A 110 -17.88 0.06 2.14
CA GLN A 110 -16.50 -0.39 2.03
C GLN A 110 -16.03 -0.05 0.62
N CYS A 111 -14.80 0.43 0.53
CA CYS A 111 -14.26 0.86 -0.76
C CYS A 111 -14.26 -0.30 -1.76
N PRO A 112 -14.82 -0.14 -2.96
CA PRO A 112 -14.73 -1.18 -3.98
C PRO A 112 -13.28 -1.52 -4.28
N LYS A 113 -13.06 -2.78 -4.69
CA LYS A 113 -11.70 -3.31 -4.83
C LYS A 113 -10.91 -2.58 -5.91
N ALA A 114 -11.51 -2.40 -7.10
CA ALA A 114 -10.83 -1.60 -8.13
C ALA A 114 -10.54 -0.20 -7.62
N ALA A 115 -11.50 0.41 -6.92
CA ALA A 115 -11.27 1.74 -6.37
C ALA A 115 -10.16 1.73 -5.33
N GLN A 116 -10.03 0.64 -4.56
CA GLN A 116 -8.94 0.54 -3.59
C GLN A 116 -7.59 0.55 -4.28
N LYS A 117 -7.51 0.01 -5.50
CA LYS A 117 -6.28 0.09 -6.28
C LYS A 117 -5.99 1.54 -6.69
N TYR A 118 -7.01 2.31 -7.08
CA TYR A 118 -6.78 3.72 -7.43
C TYR A 118 -6.33 4.51 -6.20
N VAL A 119 -6.98 4.27 -5.05
CA VAL A 119 -6.63 4.96 -3.82
C VAL A 119 -5.17 4.69 -3.45
N GLU A 120 -4.74 3.45 -3.58
CA GLU A 120 -3.35 3.10 -3.30
C GLU A 120 -2.41 3.86 -4.23
N ARG A 121 -2.73 3.91 -5.53
CA ARG A 121 -1.93 4.67 -6.49
C ARG A 121 -1.86 6.14 -6.12
N ILE A 122 -2.99 6.73 -5.72
CA ILE A 122 -3.02 8.15 -5.34
C ILE A 122 -2.10 8.41 -4.15
N HIS A 123 -2.16 7.55 -3.13
CA HIS A 123 -1.32 7.75 -1.96
C HIS A 123 0.15 7.59 -2.31
N TYR A 124 0.47 6.62 -3.17
CA TYR A 124 1.85 6.45 -3.60
C TYR A 124 2.37 7.71 -4.27
N ILE A 125 1.60 8.27 -5.20
CA ILE A 125 2.04 9.44 -5.96
C ILE A 125 2.26 10.62 -5.02
N GLY A 126 1.26 10.92 -4.20
CA GLY A 126 1.37 12.05 -3.27
C GLY A 126 2.50 11.93 -2.29
N GLN A 127 3.02 10.73 -2.06
CA GLN A 127 4.06 10.51 -1.06
C GLN A 127 5.43 10.28 -1.65
N ASN A 128 5.53 9.96 -2.94
CA ASN A 128 6.83 9.66 -3.53
C ASN A 128 7.14 10.53 -4.74
N GLU A 129 6.12 10.93 -5.49
CA GLU A 129 6.32 11.70 -6.73
C GLU A 129 5.28 12.81 -6.80
N PRO A 130 5.28 13.74 -5.84
CA PRO A 130 4.21 14.74 -5.78
C PRO A 130 4.11 15.61 -7.03
N GLU A 131 5.19 15.72 -7.81
CA GLU A 131 5.11 16.42 -9.09
C GLU A 131 4.15 15.75 -10.05
N LEU A 132 3.73 14.53 -9.77
CA LEU A 132 2.76 13.85 -10.62
C LEU A 132 1.32 14.03 -10.13
N LEU A 133 1.14 14.59 -8.94
CA LEU A 133 -0.20 14.79 -8.40
C LEU A 133 -1.09 15.57 -9.36
N VAL A 134 -0.51 16.48 -10.14
CA VAL A 134 -1.29 17.29 -11.07
C VAL A 134 -2.01 16.40 -12.07
N ALA A 135 -1.38 15.31 -12.49
CA ALA A 135 -2.03 14.39 -13.43
C ALA A 135 -3.34 13.87 -12.86
N HIS A 136 -3.37 13.65 -11.54
CA HIS A 136 -4.59 13.10 -10.94
C HIS A 136 -5.66 14.17 -10.72
N ALA A 137 -5.25 15.39 -10.35
CA ALA A 137 -6.23 16.45 -10.18
C ALA A 137 -6.86 16.84 -11.51
N TYR A 138 -6.09 16.78 -12.60
CA TYR A 138 -6.60 17.19 -13.90
C TYR A 138 -7.67 16.22 -14.40
N THR A 139 -7.39 14.93 -14.33
CA THR A 139 -8.33 13.95 -14.89
C THR A 139 -9.64 13.95 -14.12
N ARG A 140 -9.62 14.34 -12.84
CA ARG A 140 -10.86 14.37 -12.09
C ARG A 140 -11.53 15.74 -12.16
N TYR A 141 -10.89 16.79 -11.63
CA TYR A 141 -11.60 18.05 -11.38
C TYR A 141 -11.99 18.76 -12.67
N MET A 142 -11.12 18.75 -13.67
CA MET A 142 -11.45 19.47 -14.90
C MET A 142 -12.61 18.81 -15.63
N GLY A 143 -12.66 17.48 -15.61
CA GLY A 143 -13.86 16.80 -16.10
C GLY A 143 -15.11 17.15 -15.31
N ASP A 144 -15.00 17.21 -13.98
CA ASP A 144 -16.18 17.48 -13.16
C ASP A 144 -16.68 18.91 -13.38
N LEU A 145 -15.78 19.87 -13.59
CA LEU A 145 -16.20 21.27 -13.72
C LEU A 145 -17.10 21.47 -14.93
N SER A 146 -16.63 21.06 -16.11
CA SER A 146 -17.39 21.29 -17.32
C SER A 146 -18.57 20.33 -17.45
N GLY A 147 -18.41 19.07 -17.02
CA GLY A 147 -19.47 18.10 -17.17
C GLY A 147 -20.53 18.10 -16.11
N GLY A 148 -20.28 18.80 -15.00
CA GLY A 148 -21.08 18.65 -13.80
C GLY A 148 -22.59 18.73 -13.98
N GLN A 149 -23.09 19.91 -14.35
CA GLN A 149 -24.51 20.18 -14.33
C GLN A 149 -25.30 19.18 -15.19
N VAL A 150 -24.73 18.74 -16.30
CA VAL A 150 -25.37 17.71 -17.11
C VAL A 150 -25.57 16.44 -16.29
N LEU A 151 -24.47 15.87 -15.79
CA LEU A 151 -24.57 14.65 -14.99
C LEU A 151 -25.53 14.82 -13.83
N LYS A 152 -25.53 16.01 -13.22
CA LYS A 152 -26.39 16.25 -12.06
C LYS A 152 -27.86 16.01 -12.40
N LYS A 153 -28.34 16.60 -13.50
CA LYS A 153 -29.77 16.52 -13.81
C LYS A 153 -30.20 15.09 -14.14
N VAL A 154 -29.40 14.38 -14.95
CA VAL A 154 -29.65 12.97 -15.23
C VAL A 154 -29.89 12.19 -13.94
N ALA A 155 -28.99 12.35 -12.96
CA ALA A 155 -29.12 11.61 -11.71
C ALA A 155 -30.40 12.00 -10.96
N GLN A 156 -30.72 13.30 -10.96
CA GLN A 156 -31.93 13.76 -10.27
C GLN A 156 -33.19 13.16 -10.88
N ARG A 157 -33.25 13.13 -12.22
CA ARG A 157 -34.41 12.53 -12.89
C ARG A 157 -34.46 11.03 -12.64
N ALA A 158 -33.44 10.31 -13.13
CA ALA A 158 -33.44 8.85 -13.10
C ALA A 158 -33.79 8.31 -11.72
N LEU A 159 -33.36 9.00 -10.67
CA LEU A 159 -33.55 8.50 -9.32
C LEU A 159 -34.61 9.29 -8.55
N LYS A 160 -35.34 10.18 -9.22
CA LYS A 160 -36.32 11.06 -8.57
C LYS A 160 -35.71 11.74 -7.35
N LEU A 161 -34.50 12.27 -7.53
CA LEU A 161 -33.83 12.94 -6.44
C LEU A 161 -34.46 14.31 -6.20
N PRO A 162 -34.62 14.70 -4.94
CA PRO A 162 -35.12 16.05 -4.62
C PRO A 162 -34.38 17.13 -5.40
N SER A 163 -35.15 18.06 -5.96
CA SER A 163 -34.60 19.20 -6.69
C SER A 163 -33.87 20.19 -5.79
N THR A 164 -33.95 20.00 -4.46
CA THR A 164 -33.13 20.75 -3.52
C THR A 164 -31.67 20.29 -3.49
N GLY A 165 -31.31 19.26 -4.26
CA GLY A 165 -29.93 18.92 -4.49
C GLY A 165 -29.36 17.78 -3.65
N GLU A 166 -30.16 17.13 -2.83
CA GLU A 166 -29.64 16.03 -2.03
C GLU A 166 -29.17 14.89 -2.93
N GLY A 167 -28.16 14.16 -2.44
CA GLY A 167 -27.56 13.08 -3.18
C GLY A 167 -26.80 13.50 -4.41
N THR A 168 -26.86 14.77 -4.79
CA THR A 168 -26.24 15.24 -6.03
C THR A 168 -25.27 16.39 -5.82
N GLN A 169 -24.89 16.69 -4.57
CA GLN A 169 -24.03 17.83 -4.30
C GLN A 169 -22.61 17.68 -4.83
N PHE A 170 -22.13 16.45 -5.05
CA PHE A 170 -20.84 16.25 -5.71
C PHE A 170 -20.73 17.08 -6.99
N TYR A 171 -21.85 17.23 -7.72
CA TYR A 171 -21.82 17.75 -9.07
C TYR A 171 -22.01 19.25 -9.17
N LEU A 172 -22.10 19.96 -8.03
CA LEU A 172 -22.24 21.41 -8.01
C LEU A 172 -21.00 22.04 -7.38
N PHE A 173 -20.36 22.95 -8.10
CA PHE A 173 -19.20 23.70 -7.59
C PHE A 173 -19.64 25.11 -7.21
N GLU A 174 -20.27 25.21 -6.03
CA GLU A 174 -20.87 26.48 -5.63
C GLU A 174 -19.85 27.61 -5.56
N ASN A 175 -18.62 27.32 -5.16
CA ASN A 175 -17.63 28.38 -5.02
C ASN A 175 -16.89 28.66 -6.31
N VAL A 176 -17.33 28.10 -7.42
CA VAL A 176 -16.79 28.44 -8.74
C VAL A 176 -17.93 29.12 -9.49
N ASP A 177 -17.77 30.41 -9.77
CA ASP A 177 -18.87 31.14 -10.37
C ASP A 177 -18.88 31.06 -11.89
N ASN A 178 -17.73 30.90 -12.53
CA ASN A 178 -17.68 30.69 -13.97
C ASN A 178 -16.77 29.49 -14.21
N ALA A 179 -17.40 28.33 -14.46
CA ALA A 179 -16.64 27.08 -14.55
C ALA A 179 -15.67 27.08 -15.72
N GLN A 180 -16.10 27.62 -16.85
CA GLN A 180 -15.20 27.66 -17.99
C GLN A 180 -14.10 28.69 -17.79
N GLN A 181 -14.33 29.69 -16.94
CA GLN A 181 -13.30 30.65 -16.58
C GLN A 181 -12.31 30.09 -15.56
N PHE A 182 -12.79 29.36 -14.54
CA PHE A 182 -11.84 28.74 -13.62
C PHE A 182 -10.95 27.74 -14.33
N LYS A 183 -11.52 27.00 -15.28
CA LYS A 183 -10.76 26.03 -16.04
C LYS A 183 -9.60 26.69 -16.79
N GLN A 184 -9.82 27.93 -17.26
CA GLN A 184 -8.74 28.66 -17.93
C GLN A 184 -7.65 29.05 -16.95
N LEU A 185 -8.06 29.61 -15.82
CA LEU A 185 -7.14 29.95 -14.75
C LEU A 185 -6.30 28.75 -14.34
N TYR A 186 -6.96 27.61 -14.09
CA TYR A 186 -6.26 26.38 -13.71
C TYR A 186 -5.27 25.96 -14.79
N ARG A 187 -5.73 25.92 -16.05
CA ARG A 187 -4.84 25.55 -17.15
C ARG A 187 -3.63 26.49 -17.22
N ALA A 188 -3.87 27.80 -17.11
CA ALA A 188 -2.76 28.75 -17.19
C ALA A 188 -1.73 28.47 -16.09
N ARG A 189 -2.19 28.20 -14.88
CA ARG A 189 -1.26 27.91 -13.79
C ARG A 189 -0.48 26.62 -14.06
N MET A 190 -1.15 25.61 -14.60
CA MET A 190 -0.50 24.33 -14.90
C MET A 190 0.63 24.51 -15.91
N ASN A 191 0.36 25.24 -17.00
CA ASN A 191 1.37 25.48 -18.03
C ASN A 191 2.49 26.41 -17.57
N ALA A 192 2.33 27.09 -16.43
CA ALA A 192 3.39 27.93 -15.88
C ALA A 192 4.31 27.17 -14.94
N LEU A 193 3.99 25.93 -14.62
CA LEU A 193 4.83 25.13 -13.75
C LEU A 193 6.19 24.90 -14.39
N ASP A 194 7.24 24.95 -13.58
CA ASP A 194 8.63 24.80 -14.03
C ASP A 194 8.93 23.32 -14.21
N LEU A 195 8.66 22.80 -15.42
CA LEU A 195 8.84 21.38 -15.69
C LEU A 195 9.56 21.19 -17.03
N ASN A 196 10.57 20.31 -17.02
CA ASN A 196 11.19 19.90 -18.28
C ASN A 196 10.31 18.90 -19.00
N MET A 197 10.69 18.58 -20.25
CA MET A 197 9.85 17.73 -21.08
C MET A 197 9.77 16.30 -20.53
N LYS A 198 10.78 15.87 -19.78
CA LYS A 198 10.76 14.54 -19.18
C LYS A 198 9.58 14.40 -18.22
N THR A 199 9.53 15.24 -17.19
CA THR A 199 8.44 15.15 -16.21
C THR A 199 7.08 15.39 -16.86
N LYS A 200 7.01 16.27 -17.86
CA LYS A 200 5.75 16.58 -18.52
C LYS A 200 5.11 15.34 -19.14
N GLU A 201 5.90 14.54 -19.86
CA GLU A 201 5.35 13.32 -20.45
C GLU A 201 5.15 12.22 -19.40
N ARG A 202 5.87 12.28 -18.28
CA ARG A 202 5.51 11.46 -17.12
C ARG A 202 4.11 11.82 -16.64
N ILE A 203 3.84 13.12 -16.52
CA ILE A 203 2.51 13.60 -16.17
C ILE A 203 1.48 13.06 -17.15
N VAL A 204 1.78 13.13 -18.45
CA VAL A 204 0.83 12.68 -19.47
C VAL A 204 0.52 11.19 -19.32
N GLU A 205 1.55 10.37 -19.07
CA GLU A 205 1.24 8.96 -18.92
C GLU A 205 0.62 8.65 -17.56
N GLU A 206 0.93 9.44 -16.52
CA GLU A 206 0.23 9.27 -15.26
C GLU A 206 -1.25 9.57 -15.41
N ALA A 207 -1.59 10.55 -16.25
CA ALA A 207 -3.01 10.84 -16.52
C ALA A 207 -3.68 9.69 -17.25
N ASN A 208 -2.97 9.09 -18.22
CA ASN A 208 -3.50 7.89 -18.87
C ASN A 208 -3.70 6.77 -17.86
N LYS A 209 -2.73 6.59 -16.95
CA LYS A 209 -2.88 5.66 -15.83
C LYS A 209 -4.18 5.95 -15.08
N ALA A 210 -4.39 7.22 -14.73
CA ALA A 210 -5.59 7.59 -13.98
C ALA A 210 -6.85 7.27 -14.76
N PHE A 211 -6.86 7.59 -16.05
CA PHE A 211 -8.05 7.31 -16.87
C PHE A 211 -8.34 5.82 -16.91
N GLU A 212 -7.28 4.99 -16.96
CA GLU A 212 -7.49 3.55 -16.98
C GLU A 212 -8.05 3.07 -15.65
N TYR A 213 -7.57 3.65 -14.54
CA TYR A 213 -8.16 3.35 -13.23
C TYR A 213 -9.65 3.69 -13.21
N ASN A 214 -10.04 4.82 -13.80
CA ASN A 214 -11.47 5.14 -13.90
C ASN A 214 -12.22 4.08 -14.68
N MET A 215 -11.66 3.63 -15.81
CA MET A 215 -12.33 2.58 -16.58
C MET A 215 -12.47 1.30 -15.76
N GLN A 216 -11.40 0.88 -15.07
CA GLN A 216 -11.49 -0.30 -14.21
C GLN A 216 -12.58 -0.17 -13.14
N ILE A 217 -12.86 1.05 -12.69
CA ILE A 217 -13.89 1.22 -11.68
C ILE A 217 -15.27 1.16 -12.33
N PHE A 218 -15.40 1.72 -13.53
CA PHE A 218 -16.66 1.64 -14.26
C PHE A 218 -16.99 0.20 -14.62
N ASN A 219 -15.97 -0.59 -14.97
CA ASN A 219 -16.22 -1.98 -15.33
C ASN A 219 -16.63 -2.80 -14.11
N GLU A 220 -15.98 -2.56 -12.97
CA GLU A 220 -16.38 -3.23 -11.73
C GLU A 220 -17.80 -2.83 -11.34
N LEU A 221 -18.23 -1.61 -11.69
CA LEU A 221 -19.58 -1.17 -11.37
C LEU A 221 -20.63 -1.78 -12.29
N ASP A 222 -20.25 -2.12 -13.53
CA ASP A 222 -21.21 -2.68 -14.47
C ASP A 222 -21.72 -4.04 -14.02
N GLN A 223 -20.90 -4.81 -13.31
CA GLN A 223 -21.26 -6.16 -12.88
C GLN A 223 -22.26 -6.15 -11.71
N ALA B 15 11.38 18.84 12.56
CA ALA B 15 10.20 19.70 12.59
C ALA B 15 9.68 19.87 14.03
N ASP B 16 8.53 20.54 14.13
CA ASP B 16 7.91 20.77 15.43
C ASP B 16 7.40 19.46 16.03
N LEU B 17 7.64 19.28 17.32
CA LEU B 17 7.21 18.06 18.01
C LEU B 17 5.74 17.77 17.81
N SER B 18 4.90 18.81 17.78
CA SER B 18 3.46 18.63 17.60
C SER B 18 3.13 18.04 16.23
N GLU B 19 3.86 18.48 15.19
CA GLU B 19 3.61 17.95 13.85
C GLU B 19 4.11 16.51 13.73
N LEU B 20 5.30 16.21 14.28
CA LEU B 20 5.78 14.84 14.30
C LEU B 20 4.79 13.91 15.00
N LEU B 21 4.27 14.35 16.16
CA LEU B 21 3.25 13.57 16.86
C LEU B 21 1.99 13.43 16.02
N LYS B 22 1.62 14.50 15.32
CA LYS B 22 0.36 14.49 14.58
C LYS B 22 0.37 13.44 13.48
N GLU B 23 1.47 13.37 12.72
CA GLU B 23 1.49 12.38 11.65
C GLU B 23 2.08 11.03 12.08
N GLY B 24 2.95 11.00 13.08
CA GLY B 24 3.55 9.75 13.54
C GLY B 24 2.65 8.88 14.41
N THR B 25 1.51 9.39 14.88
CA THR B 25 0.56 8.64 15.69
C THR B 25 -0.78 8.45 15.01
N LYS B 26 -0.94 8.93 13.77
CA LYS B 26 -2.27 8.97 13.15
C LYS B 26 -2.84 7.56 13.00
N GLU B 27 -2.00 6.57 12.68
CA GLU B 27 -2.47 5.20 12.52
C GLU B 27 -2.96 4.62 13.85
N ALA B 28 -2.10 4.68 14.88
CA ALA B 28 -2.49 4.18 16.19
C ALA B 28 -3.73 4.90 16.72
N HIS B 29 -3.80 6.22 16.52
CA HIS B 29 -4.96 6.97 16.99
C HIS B 29 -6.26 6.49 16.31
N ASP B 30 -6.23 6.35 14.98
CA ASP B 30 -7.44 5.94 14.27
C ASP B 30 -7.85 4.52 14.64
N ARG B 31 -6.89 3.63 14.88
CA ARG B 31 -7.21 2.28 15.31
C ARG B 31 -7.93 2.30 16.66
N ALA B 32 -7.41 3.08 17.61
CA ALA B 32 -8.03 3.13 18.92
C ALA B 32 -9.42 3.73 18.84
N GLU B 33 -9.58 4.78 18.03
CA GLU B 33 -10.89 5.40 17.86
C GLU B 33 -11.86 4.48 17.13
N ASN B 34 -11.37 3.54 16.33
CA ASN B 34 -12.27 2.64 15.63
C ASN B 34 -12.56 1.37 16.41
N THR B 35 -12.25 1.31 17.70
CA THR B 35 -12.59 0.11 18.45
C THR B 35 -14.10 0.05 18.66
N GLN B 36 -14.60 -1.15 18.92
CA GLN B 36 -16.03 -1.32 19.13
C GLN B 36 -16.51 -0.52 20.35
N PHE B 37 -15.74 -0.54 21.44
CA PHE B 37 -16.13 0.25 22.61
C PHE B 37 -16.32 1.73 22.26
N VAL B 38 -15.36 2.32 21.53
CA VAL B 38 -15.47 3.75 21.22
C VAL B 38 -16.66 4.01 20.31
N LYS B 39 -16.84 3.19 19.27
CA LYS B 39 -18.00 3.32 18.40
C LYS B 39 -19.30 3.22 19.19
N ASP B 40 -19.41 2.23 20.08
CA ASP B 40 -20.63 2.09 20.88
C ASP B 40 -20.84 3.32 21.78
N PHE B 41 -19.75 3.84 22.35
CA PHE B 41 -19.85 5.01 23.21
C PHE B 41 -20.46 6.19 22.46
N LEU B 42 -19.94 6.50 21.27
CA LEU B 42 -20.41 7.69 20.55
C LEU B 42 -21.89 7.57 20.18
N LYS B 43 -22.36 6.35 19.91
CA LYS B 43 -23.75 6.12 19.53
C LYS B 43 -24.70 6.11 20.73
N GLY B 44 -24.20 6.11 21.95
CA GLY B 44 -25.06 6.03 23.12
C GLY B 44 -25.39 4.63 23.58
N ASN B 45 -24.65 3.63 23.11
CA ASN B 45 -24.91 2.24 23.46
C ASN B 45 -23.97 1.74 24.56
N ILE B 46 -23.80 2.48 25.65
CA ILE B 46 -23.06 1.97 26.79
C ILE B 46 -23.98 2.00 27.99
N LYS B 47 -24.04 0.87 28.71
CA LYS B 47 -24.90 0.76 29.88
C LYS B 47 -24.16 1.20 31.14
N LYS B 48 -24.94 1.39 32.20
CA LYS B 48 -24.44 2.00 33.42
C LYS B 48 -23.22 1.23 33.96
N GLU B 49 -23.32 -0.09 34.07
CA GLU B 49 -22.19 -0.81 34.67
C GLU B 49 -20.95 -0.72 33.80
N LEU B 50 -21.12 -0.71 32.47
CA LEU B 50 -19.95 -0.59 31.62
C LEU B 50 -19.37 0.82 31.68
N PHE B 51 -20.23 1.83 31.85
CA PHE B 51 -19.73 3.19 32.01
C PHE B 51 -19.00 3.32 33.34
N LYS B 52 -19.49 2.67 34.40
CA LYS B 52 -18.81 2.71 35.70
C LYS B 52 -17.45 2.04 35.64
N LEU B 53 -17.33 0.97 34.85
CA LEU B 53 -16.05 0.30 34.63
C LEU B 53 -15.08 1.17 33.84
N ALA B 54 -15.56 1.82 32.76
CA ALA B 54 -14.71 2.76 32.03
C ALA B 54 -14.26 3.93 32.91
N THR B 55 -15.16 4.48 33.73
CA THR B 55 -14.81 5.57 34.62
C THR B 55 -13.76 5.12 35.64
N THR B 56 -13.87 3.88 36.11
CA THR B 56 -12.88 3.33 37.03
C THR B 56 -11.50 3.27 36.39
N ALA B 57 -11.42 2.78 35.16
CA ALA B 57 -10.14 2.81 34.46
C ALA B 57 -9.60 4.22 34.33
N LEU B 58 -10.46 5.17 33.95
CA LEU B 58 -10.03 6.56 33.88
C LEU B 58 -9.46 7.01 35.21
N TYR B 59 -10.15 6.70 36.32
CA TYR B 59 -9.66 7.14 37.63
C TYR B 59 -8.24 6.66 37.88
N PHE B 60 -7.98 5.36 37.72
CA PHE B 60 -6.64 4.87 38.04
C PHE B 60 -5.60 5.40 37.07
N THR B 61 -5.95 5.50 35.79
CA THR B 61 -5.01 6.01 34.80
C THR B 61 -4.61 7.46 35.09
N TYR B 62 -5.60 8.34 35.22
CA TYR B 62 -5.28 9.74 35.43
C TYR B 62 -4.64 9.98 36.79
N SER B 63 -5.03 9.22 37.82
CA SER B 63 -4.38 9.33 39.11
C SER B 63 -2.88 9.09 38.98
N ALA B 64 -2.49 8.12 38.17
CA ALA B 64 -1.07 7.82 37.96
C ALA B 64 -0.39 8.92 37.17
N LEU B 65 -1.01 9.36 36.07
CA LEU B 65 -0.40 10.37 35.23
C LEU B 65 -0.15 11.66 36.01
N GLU B 66 -1.09 12.03 36.88
CA GLU B 66 -1.00 13.30 37.59
C GLU B 66 -0.04 13.21 38.77
N GLU B 67 0.08 12.05 39.40
CA GLU B 67 1.16 11.87 40.36
C GLU B 67 2.53 12.04 39.70
N GLU B 68 2.70 11.51 38.48
CA GLU B 68 3.99 11.64 37.84
C GLU B 68 4.24 13.05 37.31
N MET B 69 3.21 13.75 36.85
CA MET B 69 3.40 15.13 36.42
C MET B 69 3.80 16.01 37.59
N GLU B 70 3.16 15.80 38.75
CA GLU B 70 3.50 16.52 39.97
C GLU B 70 4.96 16.25 40.37
N ARG B 71 5.38 14.99 40.31
CA ARG B 71 6.76 14.63 40.63
C ARG B 71 7.76 15.39 39.77
N ASN B 72 7.42 15.63 38.50
CA ASN B 72 8.32 16.27 37.56
C ASN B 72 7.94 17.72 37.29
N LYS B 73 7.22 18.36 38.21
CA LYS B 73 6.70 19.70 37.93
C LYS B 73 7.80 20.71 37.70
N ASP B 74 9.02 20.45 38.20
CA ASP B 74 10.16 21.34 38.02
C ASP B 74 11.16 20.85 36.97
N HIS B 75 10.95 19.66 36.41
CA HIS B 75 11.92 19.12 35.46
C HIS B 75 11.93 19.91 34.16
N PRO B 76 13.12 20.27 33.62
CA PRO B 76 13.15 21.18 32.46
C PRO B 76 12.48 20.61 31.22
N ALA B 77 12.42 19.29 31.09
CA ALA B 77 11.80 18.69 29.92
C ALA B 77 10.28 18.63 30.04
N PHE B 78 9.71 18.96 31.20
CA PHE B 78 8.27 18.88 31.38
C PHE B 78 7.65 20.14 31.98
N ALA B 79 8.40 20.88 32.81
CA ALA B 79 7.84 21.94 33.65
C ALA B 79 6.90 22.90 32.94
N PRO B 80 7.17 23.42 31.74
CA PRO B 80 6.22 24.35 31.12
C PRO B 80 4.84 23.75 30.82
N LEU B 81 4.68 22.42 30.90
CA LEU B 81 3.41 21.77 30.61
C LEU B 81 2.71 21.32 31.89
N TYR B 82 3.17 21.80 33.04
CA TYR B 82 2.54 21.49 34.31
C TYR B 82 1.35 22.43 34.48
N PHE B 83 0.13 21.89 34.38
CA PHE B 83 -1.09 22.70 34.47
C PHE B 83 -2.06 22.03 35.42
N PRO B 84 -1.73 21.94 36.71
CA PRO B 84 -2.66 21.25 37.63
C PRO B 84 -4.02 21.89 37.70
N MET B 85 -4.13 23.22 37.61
CA MET B 85 -5.43 23.87 37.73
C MET B 85 -6.29 23.67 36.49
N GLU B 86 -5.68 23.82 35.31
CA GLU B 86 -6.45 23.74 34.08
C GLU B 86 -6.79 22.30 33.70
N LEU B 87 -5.88 21.34 33.95
CA LEU B 87 -6.03 20.04 33.31
C LEU B 87 -6.31 18.86 34.22
N HIS B 88 -5.79 18.85 35.46
CA HIS B 88 -5.85 17.61 36.23
C HIS B 88 -7.30 17.18 36.44
N ARG B 89 -7.52 15.85 36.32
CA ARG B 89 -8.84 15.23 36.30
C ARG B 89 -9.16 14.38 37.51
N LYS B 90 -8.18 14.13 38.41
CA LYS B 90 -8.40 13.19 39.50
C LYS B 90 -9.54 13.63 40.41
N GLU B 91 -9.63 14.94 40.70
CA GLU B 91 -10.71 15.43 41.56
C GLU B 91 -12.07 15.27 40.89
N ALA B 92 -12.18 15.60 39.60
CA ALA B 92 -13.44 15.39 38.90
C ALA B 92 -13.81 13.91 38.85
N LEU B 93 -12.82 13.04 38.58
CA LEU B 93 -13.10 11.61 38.53
C LEU B 93 -13.48 11.08 39.90
N THR B 94 -12.88 11.62 40.96
CA THR B 94 -13.26 11.18 42.30
C THR B 94 -14.74 11.47 42.57
N LYS B 95 -15.20 12.66 42.19
CA LYS B 95 -16.60 13.00 42.34
C LYS B 95 -17.47 12.08 41.48
N ASP B 96 -17.00 11.74 40.27
CA ASP B 96 -17.78 10.82 39.45
C ASP B 96 -17.86 9.44 40.09
N MET B 97 -16.77 8.94 40.67
CA MET B 97 -16.81 7.65 41.34
C MET B 97 -17.76 7.68 42.53
N GLU B 98 -17.63 8.70 43.38
CA GLU B 98 -18.56 8.86 44.50
C GLU B 98 -20.01 8.89 44.03
N TYR B 99 -20.26 9.52 42.88
CA TYR B 99 -21.63 9.60 42.39
C TYR B 99 -22.17 8.25 41.96
N PHE B 100 -21.36 7.47 41.22
CA PHE B 100 -21.82 6.19 40.70
C PHE B 100 -21.82 5.10 41.77
N PHE B 101 -20.87 5.12 42.71
CA PHE B 101 -20.74 4.03 43.66
C PHE B 101 -21.06 4.40 45.09
N GLY B 102 -21.14 5.69 45.41
CA GLY B 102 -21.27 6.10 46.80
C GLY B 102 -19.93 6.37 47.46
N GLU B 103 -20.01 6.71 48.76
CA GLU B 103 -18.82 7.19 49.46
C GLU B 103 -17.78 6.10 49.66
N ASN B 104 -18.24 4.85 49.70
CA ASN B 104 -17.37 3.69 49.85
C ASN B 104 -16.87 3.14 48.52
N TRP B 105 -16.69 4.00 47.50
CA TRP B 105 -16.41 3.49 46.16
C TRP B 105 -15.07 2.77 46.09
N GLU B 106 -14.06 3.19 46.86
CA GLU B 106 -12.73 2.62 46.69
C GLU B 106 -12.71 1.14 47.05
N GLU B 107 -13.55 0.72 48.00
CA GLU B 107 -13.58 -0.69 48.34
C GLU B 107 -14.38 -1.53 47.36
N GLN B 108 -15.14 -0.90 46.45
CA GLN B 108 -15.96 -1.60 45.48
C GLN B 108 -15.30 -1.78 44.12
N VAL B 109 -14.12 -1.19 43.89
CA VAL B 109 -13.55 -1.17 42.55
C VAL B 109 -12.17 -1.78 42.60
N GLN B 110 -11.72 -2.22 41.43
CA GLN B 110 -10.37 -2.68 41.21
C GLN B 110 -9.96 -2.19 39.83
N CYS B 111 -8.72 -1.73 39.71
CA CYS B 111 -8.23 -1.29 38.42
C CYS B 111 -8.27 -2.45 37.43
N PRO B 112 -8.86 -2.28 36.25
CA PRO B 112 -8.83 -3.35 35.23
C PRO B 112 -7.40 -3.72 34.83
N LYS B 113 -7.22 -4.98 34.44
CA LYS B 113 -5.89 -5.56 34.22
C LYS B 113 -5.08 -4.76 33.21
N ALA B 114 -5.66 -4.46 32.04
CA ALA B 114 -4.89 -3.73 31.04
C ALA B 114 -4.60 -2.30 31.49
N ALA B 115 -5.51 -1.69 32.24
CA ALA B 115 -5.24 -0.35 32.76
C ALA B 115 -4.13 -0.36 33.79
N GLN B 116 -4.03 -1.43 34.60
CA GLN B 116 -2.95 -1.48 35.58
C GLN B 116 -1.59 -1.57 34.89
N LYS B 117 -1.50 -2.32 33.80
CA LYS B 117 -0.28 -2.33 33.01
C LYS B 117 0.07 -0.95 32.50
N TYR B 118 -0.95 -0.20 32.02
CA TYR B 118 -0.69 1.16 31.56
C TYR B 118 -0.22 2.04 32.72
N VAL B 119 -0.87 1.91 33.88
CA VAL B 119 -0.47 2.64 35.09
C VAL B 119 1.01 2.39 35.40
N GLU B 120 1.45 1.13 35.31
CA GLU B 120 2.83 0.81 35.63
C GLU B 120 3.80 1.46 34.64
N ARG B 121 3.43 1.51 33.36
CA ARG B 121 4.26 2.18 32.37
C ARG B 121 4.36 3.69 32.65
N ILE B 122 3.26 4.30 33.09
CA ILE B 122 3.26 5.72 33.43
C ILE B 122 4.25 5.98 34.58
N HIS B 123 4.17 5.16 35.64
CA HIS B 123 5.08 5.33 36.77
C HIS B 123 6.53 5.12 36.36
N TYR B 124 6.81 4.12 35.53
CA TYR B 124 8.17 3.93 35.05
C TYR B 124 8.68 5.17 34.30
N ILE B 125 7.86 5.71 33.39
CA ILE B 125 8.30 6.87 32.60
C ILE B 125 8.55 8.05 33.52
N GLY B 126 7.65 8.25 34.50
CA GLY B 126 7.78 9.39 35.40
C GLY B 126 8.97 9.29 36.32
N GLN B 127 9.34 8.07 36.71
CA GLN B 127 10.47 7.89 37.62
C GLN B 127 11.81 7.73 36.91
N ASN B 128 11.82 7.52 35.58
CA ASN B 128 13.09 7.18 34.94
C ASN B 128 13.32 7.83 33.58
N GLU B 129 12.28 8.19 32.82
CA GLU B 129 12.45 8.90 31.55
C GLU B 129 11.47 10.07 31.50
N PRO B 130 11.59 11.03 32.43
CA PRO B 130 10.57 12.08 32.54
C PRO B 130 10.40 12.89 31.28
N GLU B 131 11.38 12.94 30.39
CA GLU B 131 11.23 13.68 29.15
C GLU B 131 10.24 13.01 28.19
N LEU B 132 9.81 11.79 28.47
CA LEU B 132 8.78 11.17 27.65
C LEU B 132 7.40 11.32 28.28
N LEU B 133 7.32 11.95 29.45
CA LEU B 133 6.03 12.14 30.11
C LEU B 133 5.06 12.90 29.20
N VAL B 134 5.56 13.88 28.43
CA VAL B 134 4.71 14.66 27.54
C VAL B 134 3.95 13.76 26.56
N ALA B 135 4.51 12.62 26.19
CA ALA B 135 3.81 11.75 25.25
C ALA B 135 2.51 11.24 25.85
N HIS B 136 2.51 10.96 27.14
CA HIS B 136 1.29 10.50 27.77
C HIS B 136 0.33 11.65 28.03
N ALA B 137 0.86 12.79 28.49
CA ALA B 137 0.01 13.96 28.73
C ALA B 137 -0.65 14.44 27.45
N TYR B 138 0.12 14.53 26.37
CA TYR B 138 -0.42 15.07 25.11
C TYR B 138 -1.53 14.19 24.56
N THR B 139 -1.38 12.87 24.62
CA THR B 139 -2.43 12.03 24.07
C THR B 139 -3.64 11.89 24.99
N ARG B 140 -3.52 12.25 26.27
CA ARG B 140 -4.68 12.22 27.14
C ARG B 140 -5.42 13.55 27.10
N TYR B 141 -4.73 14.65 27.42
CA TYR B 141 -5.45 15.88 27.70
C TYR B 141 -5.85 16.63 26.43
N MET B 142 -5.08 16.53 25.34
CA MET B 142 -5.51 17.21 24.11
C MET B 142 -6.82 16.61 23.59
N GLY B 143 -6.97 15.28 23.67
CA GLY B 143 -8.22 14.66 23.28
C GLY B 143 -9.35 14.98 24.24
N ASP B 144 -9.06 15.00 25.55
CA ASP B 144 -10.09 15.34 26.52
C ASP B 144 -10.64 16.74 26.29
N LEU B 145 -9.74 17.70 26.02
CA LEU B 145 -10.16 19.07 25.74
C LEU B 145 -11.04 19.13 24.51
N SER B 146 -10.53 18.63 23.39
CA SER B 146 -11.25 18.77 22.12
C SER B 146 -12.36 17.73 21.94
N GLY B 147 -12.69 16.94 22.96
CA GLY B 147 -13.73 15.95 22.80
C GLY B 147 -14.78 15.94 23.90
N GLY B 148 -14.47 16.54 25.05
CA GLY B 148 -15.32 16.37 26.21
C GLY B 148 -16.75 16.82 26.01
N GLN B 149 -16.96 17.87 25.20
CA GLN B 149 -18.31 18.40 25.07
C GLN B 149 -19.24 17.41 24.36
N VAL B 150 -18.77 16.82 23.26
CA VAL B 150 -19.56 15.80 22.59
C VAL B 150 -19.75 14.58 23.51
N LEU B 151 -18.66 14.16 24.18
CA LEU B 151 -18.74 12.97 25.02
C LEU B 151 -19.64 13.16 26.23
N LYS B 152 -19.58 14.34 26.86
CA LYS B 152 -20.47 14.63 27.98
C LYS B 152 -21.93 14.51 27.57
N LYS B 153 -22.28 15.08 26.41
CA LYS B 153 -23.66 15.06 25.94
C LYS B 153 -24.16 13.65 25.71
N VAL B 154 -23.41 12.86 24.95
CA VAL B 154 -23.79 11.48 24.66
C VAL B 154 -23.95 10.69 25.96
N ALA B 155 -23.04 10.88 26.91
CA ALA B 155 -23.13 10.13 28.16
C ALA B 155 -24.35 10.53 28.97
N GLN B 156 -24.59 11.84 29.10
CA GLN B 156 -25.77 12.32 29.83
C GLN B 156 -27.07 11.77 29.21
N ARG B 157 -27.16 11.79 27.89
CA ARG B 157 -28.39 11.34 27.21
C ARG B 157 -28.57 9.83 27.36
N ALA B 158 -27.51 9.06 27.13
CA ALA B 158 -27.63 7.61 27.14
C ALA B 158 -27.97 7.07 28.51
N LEU B 159 -27.30 7.55 29.55
CA LEU B 159 -27.51 7.05 30.89
C LEU B 159 -28.48 7.89 31.72
N LYS B 160 -29.08 8.93 31.12
CA LYS B 160 -29.98 9.85 31.82
C LYS B 160 -29.32 10.44 33.07
N LEU B 161 -28.15 11.04 32.87
CA LEU B 161 -27.44 11.63 34.00
C LEU B 161 -27.89 13.08 34.21
N PRO B 162 -27.88 13.56 35.45
CA PRO B 162 -28.42 14.90 35.74
C PRO B 162 -27.84 15.95 34.81
N SER B 163 -28.66 16.96 34.51
CA SER B 163 -28.21 18.06 33.66
C SER B 163 -27.16 18.92 34.34
N THR B 164 -27.18 18.94 35.68
CA THR B 164 -26.23 19.70 36.47
C THR B 164 -24.82 19.13 36.45
N GLY B 165 -24.60 17.97 35.82
CA GLY B 165 -23.26 17.50 35.51
C GLY B 165 -22.72 16.38 36.37
N GLU B 166 -23.47 15.93 37.36
CA GLU B 166 -22.99 14.86 38.24
C GLU B 166 -22.79 13.57 37.44
N GLY B 167 -21.63 12.92 37.66
CA GLY B 167 -21.27 11.73 36.92
C GLY B 167 -20.53 11.96 35.64
N THR B 168 -20.46 13.19 35.13
CA THR B 168 -19.72 13.51 33.93
C THR B 168 -18.77 14.68 34.15
N GLN B 169 -18.36 14.92 35.40
CA GLN B 169 -17.45 16.03 35.66
C GLN B 169 -16.07 15.80 35.07
N PHE B 170 -15.67 14.54 34.86
CA PHE B 170 -14.44 14.27 34.11
C PHE B 170 -14.40 15.03 32.80
N TYR B 171 -15.55 15.16 32.14
CA TYR B 171 -15.62 15.72 30.79
C TYR B 171 -15.74 17.24 30.77
N LEU B 172 -15.77 17.88 31.94
CA LEU B 172 -15.93 19.32 32.06
C LEU B 172 -14.64 19.91 32.61
N PHE B 173 -14.02 20.83 31.85
CA PHE B 173 -12.81 21.53 32.29
C PHE B 173 -13.19 22.92 32.80
N GLU B 174 -13.61 22.98 34.07
CA GLU B 174 -14.12 24.22 34.66
C GLU B 174 -13.13 25.37 34.54
N ASN B 175 -11.83 25.10 34.44
CA ASN B 175 -10.81 26.13 34.50
C ASN B 175 -10.20 26.48 33.15
N VAL B 176 -10.76 25.98 32.05
CA VAL B 176 -10.29 26.34 30.72
C VAL B 176 -11.35 27.19 30.06
N ASP B 177 -11.03 28.47 29.85
CA ASP B 177 -11.97 29.40 29.24
C ASP B 177 -12.32 28.97 27.82
N ASN B 178 -11.31 28.74 27.00
CA ASN B 178 -11.52 28.42 25.60
C ASN B 178 -10.59 27.28 25.25
N ALA B 179 -11.17 26.12 24.91
CA ALA B 179 -10.38 24.91 24.78
C ALA B 179 -9.43 24.96 23.61
N GLN B 180 -9.82 25.63 22.52
CA GLN B 180 -8.95 25.70 21.36
C GLN B 180 -7.77 26.64 21.60
N GLN B 181 -8.02 27.73 22.33
CA GLN B 181 -6.92 28.64 22.68
C GLN B 181 -5.93 27.96 23.62
N PHE B 182 -6.43 27.18 24.59
CA PHE B 182 -5.52 26.49 25.50
C PHE B 182 -4.72 25.44 24.77
N LYS B 183 -5.35 24.71 23.85
CA LYS B 183 -4.63 23.70 23.07
C LYS B 183 -3.53 24.34 22.23
N GLN B 184 -3.79 25.54 21.70
CA GLN B 184 -2.75 26.19 20.92
C GLN B 184 -1.58 26.62 21.82
N LEU B 185 -1.90 27.14 23.01
CA LEU B 185 -0.85 27.50 23.96
C LEU B 185 -0.03 26.27 24.36
N TYR B 186 -0.71 25.17 24.67
CA TYR B 186 0.00 23.95 25.07
C TYR B 186 0.94 23.48 23.96
N ARG B 187 0.46 23.47 22.73
CA ARG B 187 1.30 23.06 21.60
C ARG B 187 2.49 23.99 21.44
N ALA B 188 2.25 25.30 21.54
CA ALA B 188 3.35 26.25 21.42
C ALA B 188 4.41 26.02 22.48
N ARG B 189 4.00 25.76 23.73
CA ARG B 189 4.98 25.42 24.75
C ARG B 189 5.71 24.12 24.45
N MET B 190 4.99 23.09 24.01
CA MET B 190 5.61 21.80 23.69
C MET B 190 6.66 21.96 22.60
N ASN B 191 6.36 22.74 21.57
CA ASN B 191 7.32 22.92 20.48
C ASN B 191 8.55 23.73 20.88
N ALA B 192 8.47 24.50 21.96
CA ALA B 192 9.62 25.27 22.40
C ALA B 192 10.49 24.53 23.40
N LEU B 193 10.07 23.37 23.87
CA LEU B 193 10.97 22.52 24.65
C LEU B 193 12.27 22.32 23.87
N ASP B 194 13.39 22.40 24.57
CA ASP B 194 14.69 22.20 23.92
C ASP B 194 14.94 20.70 23.91
N LEU B 195 14.67 20.06 22.78
CA LEU B 195 14.73 18.61 22.64
C LEU B 195 15.36 18.28 21.31
N ASN B 196 16.38 17.43 21.32
CA ASN B 196 17.01 16.99 20.07
C ASN B 196 16.11 16.00 19.35
N MET B 197 16.43 15.76 18.06
CA MET B 197 15.52 15.00 17.21
C MET B 197 15.37 13.56 17.68
N LYS B 198 16.40 12.98 18.28
CA LYS B 198 16.30 11.62 18.81
C LYS B 198 15.25 11.53 19.91
N THR B 199 15.31 12.46 20.87
CA THR B 199 14.31 12.51 21.94
C THR B 199 12.91 12.74 21.39
N LYS B 200 12.76 13.65 20.43
CA LYS B 200 11.46 13.86 19.80
C LYS B 200 10.95 12.55 19.19
N GLU B 201 11.82 11.80 18.52
CA GLU B 201 11.41 10.53 17.93
C GLU B 201 11.07 9.50 19.01
N ARG B 202 11.77 9.52 20.15
CA ARG B 202 11.36 8.65 21.25
C ARG B 202 10.03 9.07 21.85
N ILE B 203 9.68 10.35 21.76
CA ILE B 203 8.39 10.83 22.26
C ILE B 203 7.26 10.35 21.36
N VAL B 204 7.48 10.38 20.04
CA VAL B 204 6.47 9.87 19.11
C VAL B 204 6.26 8.37 19.32
N GLU B 205 7.34 7.64 19.59
CA GLU B 205 7.23 6.20 19.85
C GLU B 205 6.42 5.95 21.12
N GLU B 206 6.72 6.67 22.20
CA GLU B 206 5.99 6.48 23.44
C GLU B 206 4.51 6.82 23.27
N ALA B 207 4.21 7.82 22.45
CA ALA B 207 2.81 8.18 22.19
C ALA B 207 2.09 7.05 21.46
N ASN B 208 2.77 6.39 20.51
CA ASN B 208 2.16 5.20 19.89
C ASN B 208 2.00 4.08 20.90
N LYS B 209 2.94 3.95 21.81
CA LYS B 209 2.79 2.97 22.88
C LYS B 209 1.60 3.32 23.78
N ALA B 210 1.29 4.61 23.94
CA ALA B 210 0.12 4.99 24.74
C ALA B 210 -1.18 4.63 24.02
N PHE B 211 -1.25 4.89 22.72
CA PHE B 211 -2.46 4.51 21.98
C PHE B 211 -2.68 3.01 22.01
N GLU B 212 -1.59 2.23 22.01
CA GLU B 212 -1.72 0.77 22.06
C GLU B 212 -2.26 0.32 23.42
N TYR B 213 -1.81 0.94 24.51
CA TYR B 213 -2.44 0.69 25.80
C TYR B 213 -3.91 1.10 25.79
N ASN B 214 -4.23 2.24 25.16
CA ASN B 214 -5.63 2.65 25.05
C ASN B 214 -6.49 1.57 24.40
N MET B 215 -5.98 0.98 23.31
CA MET B 215 -6.71 -0.08 22.62
C MET B 215 -6.90 -1.31 23.50
N GLN B 216 -5.85 -1.73 24.21
CA GLN B 216 -5.99 -2.86 25.12
C GLN B 216 -7.08 -2.61 26.15
N ILE B 217 -7.17 -1.36 26.64
CA ILE B 217 -8.18 -1.04 27.64
C ILE B 217 -9.57 -1.04 27.00
N PHE B 218 -9.70 -0.44 25.82
CA PHE B 218 -10.97 -0.47 25.10
C PHE B 218 -11.40 -1.91 24.82
N ASN B 219 -10.48 -2.76 24.38
CA ASN B 219 -10.86 -4.14 24.09
C ASN B 219 -11.27 -4.86 25.36
N GLU B 220 -10.57 -4.62 26.48
CA GLU B 220 -10.95 -5.25 27.72
C GLU B 220 -12.32 -4.76 28.20
N LEU B 221 -12.66 -3.50 27.91
CA LEU B 221 -13.97 -3.00 28.27
C LEU B 221 -15.06 -3.67 27.44
N ASP B 222 -14.84 -3.77 26.12
CA ASP B 222 -15.81 -4.42 25.24
C ASP B 222 -16.12 -5.85 25.72
N GLN B 223 -15.09 -6.63 26.05
CA GLN B 223 -15.25 -7.99 26.57
C GLN B 223 -15.84 -8.06 27.97
N ALA B 224 -16.17 -6.94 28.60
CA ALA B 224 -16.83 -6.99 29.91
C ALA B 224 -18.36 -6.92 29.76
N ALA C 15 -13.07 -23.58 18.23
CA ALA C 15 -12.46 -22.65 17.27
C ALA C 15 -10.94 -22.86 17.20
N ASP C 16 -10.44 -23.17 16.00
CA ASP C 16 -9.03 -23.48 15.83
C ASP C 16 -8.16 -22.23 16.00
N LEU C 17 -7.04 -22.40 16.71
CA LEU C 17 -6.06 -21.33 16.82
C LEU C 17 -5.62 -20.81 15.44
N SER C 18 -5.44 -21.71 14.46
CA SER C 18 -5.01 -21.24 13.15
C SER C 18 -6.05 -20.32 12.53
N GLU C 19 -7.34 -20.60 12.76
CA GLU C 19 -8.39 -19.77 12.19
C GLU C 19 -8.48 -18.43 12.89
N LEU C 20 -8.37 -18.43 14.22
CA LEU C 20 -8.32 -17.18 14.95
C LEU C 20 -7.15 -16.33 14.49
N LEU C 21 -5.99 -16.96 14.21
CA LEU C 21 -4.84 -16.18 13.76
C LEU C 21 -5.06 -15.64 12.35
N LYS C 22 -5.62 -16.46 11.46
CA LYS C 22 -5.82 -16.02 10.08
C LYS C 22 -6.77 -14.85 10.02
N GLU C 23 -7.88 -14.92 10.77
CA GLU C 23 -8.87 -13.84 10.77
C GLU C 23 -8.41 -12.65 11.61
N GLY C 24 -7.73 -12.92 12.73
CA GLY C 24 -7.43 -11.86 13.67
C GLY C 24 -6.18 -11.06 13.36
N THR C 25 -5.31 -11.56 12.49
CA THR C 25 -4.07 -10.85 12.15
C THR C 25 -4.07 -10.33 10.72
N LYS C 26 -5.17 -10.50 9.97
CA LYS C 26 -5.14 -10.17 8.55
C LYS C 26 -4.81 -8.69 8.31
N GLU C 27 -5.35 -7.79 9.13
CA GLU C 27 -5.15 -6.36 8.89
C GLU C 27 -3.70 -5.95 9.17
N ALA C 28 -3.16 -6.36 10.31
CA ALA C 28 -1.76 -6.07 10.61
C ALA C 28 -0.85 -6.70 9.56
N HIS C 29 -1.16 -7.90 9.11
CA HIS C 29 -0.39 -8.53 8.05
C HIS C 29 -0.42 -7.70 6.78
N ASP C 30 -1.63 -7.24 6.38
CA ASP C 30 -1.75 -6.48 5.14
C ASP C 30 -1.06 -5.12 5.25
N ARG C 31 -1.16 -4.47 6.42
CA ARG C 31 -0.42 -3.23 6.63
C ARG C 31 1.08 -3.46 6.42
N ALA C 32 1.64 -4.50 7.03
CA ALA C 32 3.08 -4.76 6.88
C ALA C 32 3.42 -5.08 5.43
N GLU C 33 2.55 -5.81 4.73
CA GLU C 33 2.76 -6.08 3.31
C GLU C 33 2.58 -4.84 2.45
N ASN C 34 1.83 -3.84 2.92
CA ASN C 34 1.63 -2.64 2.13
C ASN C 34 2.73 -1.60 2.34
N THR C 35 3.82 -1.94 3.03
CA THR C 35 4.88 -0.96 3.20
C THR C 35 5.60 -0.74 1.89
N GLN C 36 6.20 0.46 1.76
CA GLN C 36 6.94 0.78 0.55
C GLN C 36 8.15 -0.13 0.38
N PHE C 37 8.79 -0.52 1.49
CA PHE C 37 9.90 -1.46 1.37
C PHE C 37 9.46 -2.77 0.71
N VAL C 38 8.36 -3.36 1.19
CA VAL C 38 7.92 -4.64 0.63
C VAL C 38 7.50 -4.46 -0.83
N LYS C 39 6.71 -3.41 -1.12
CA LYS C 39 6.32 -3.13 -2.51
C LYS C 39 7.54 -2.98 -3.41
N ASP C 40 8.52 -2.16 -2.98
CA ASP C 40 9.74 -1.97 -3.76
C ASP C 40 10.49 -3.27 -3.97
N PHE C 41 10.62 -4.07 -2.92
CA PHE C 41 11.36 -5.32 -3.05
C PHE C 41 10.69 -6.24 -4.09
N LEU C 42 9.39 -6.44 -3.98
CA LEU C 42 8.69 -7.31 -4.92
C LEU C 42 8.83 -6.82 -6.36
N LYS C 43 8.89 -5.50 -6.57
CA LYS C 43 9.11 -4.95 -7.89
C LYS C 43 10.54 -5.16 -8.40
N GLY C 44 11.45 -5.60 -7.53
CA GLY C 44 12.85 -5.71 -7.89
C GLY C 44 13.67 -4.46 -7.65
N ASN C 45 13.12 -3.46 -6.97
CA ASN C 45 13.84 -2.20 -6.72
C ASN C 45 14.57 -2.25 -5.38
N ILE C 46 15.51 -3.18 -5.27
CA ILE C 46 16.25 -3.35 -4.03
C ILE C 46 17.74 -3.33 -4.37
N LYS C 47 18.46 -2.38 -3.79
CA LYS C 47 19.90 -2.33 -4.03
C LYS C 47 20.67 -3.19 -3.04
N LYS C 48 21.92 -3.48 -3.40
CA LYS C 48 22.71 -4.45 -2.66
C LYS C 48 22.92 -4.03 -1.22
N GLU C 49 23.25 -2.76 -0.97
CA GLU C 49 23.51 -2.38 0.42
C GLU C 49 22.24 -2.47 1.25
N LEU C 50 21.08 -2.18 0.65
CA LEU C 50 19.84 -2.30 1.39
C LEU C 50 19.47 -3.77 1.62
N PHE C 51 19.78 -4.65 0.67
CA PHE C 51 19.56 -6.09 0.88
C PHE C 51 20.48 -6.62 1.95
N LYS C 52 21.73 -6.13 2.00
CA LYS C 52 22.65 -6.57 3.05
C LYS C 52 22.14 -6.14 4.43
N LEU C 53 21.57 -4.93 4.53
CA LEU C 53 20.98 -4.50 5.80
C LEU C 53 19.73 -5.30 6.14
N ALA C 54 18.92 -5.65 5.14
CA ALA C 54 17.77 -6.50 5.43
C ALA C 54 18.21 -7.87 5.95
N THR C 55 19.21 -8.47 5.30
CA THR C 55 19.72 -9.78 5.72
C THR C 55 20.25 -9.73 7.13
N THR C 56 20.96 -8.65 7.48
CA THR C 56 21.47 -8.45 8.83
C THR C 56 20.34 -8.50 9.85
N ALA C 57 19.23 -7.81 9.55
CA ALA C 57 18.09 -7.79 10.46
C ALA C 57 17.47 -9.17 10.57
N LEU C 58 17.39 -9.90 9.46
CA LEU C 58 16.97 -11.29 9.50
C LEU C 58 17.92 -12.10 10.39
N TYR C 59 19.24 -11.92 10.23
CA TYR C 59 20.17 -12.71 11.05
C TYR C 59 19.88 -12.56 12.54
N PHE C 60 19.79 -11.31 13.02
CA PHE C 60 19.63 -11.12 14.46
C PHE C 60 18.25 -11.54 14.93
N THR C 61 17.23 -11.35 14.09
CA THR C 61 15.88 -11.74 14.49
C THR C 61 15.75 -13.25 14.63
N TYR C 62 16.13 -14.00 13.59
CA TYR C 62 15.99 -15.45 13.64
C TYR C 62 16.93 -16.09 14.65
N SER C 63 18.12 -15.51 14.86
CA SER C 63 19.01 -16.00 15.90
C SER C 63 18.34 -15.93 17.28
N ALA C 64 17.65 -14.81 17.56
CA ALA C 64 16.95 -14.68 18.84
C ALA C 64 15.78 -15.66 18.92
N LEU C 65 15.03 -15.80 17.83
CA LEU C 65 13.86 -16.67 17.85
C LEU C 65 14.27 -18.11 18.05
N GLU C 66 15.34 -18.54 17.39
CA GLU C 66 15.75 -19.93 17.51
C GLU C 66 16.43 -20.22 18.84
N GLU C 67 17.07 -19.21 19.44
CA GLU C 67 17.52 -19.38 20.81
C GLU C 67 16.35 -19.61 21.75
N GLU C 68 15.25 -18.89 21.54
CA GLU C 68 14.11 -19.06 22.45
C GLU C 68 13.36 -20.36 22.20
N MET C 69 13.34 -20.85 20.96
CA MET C 69 12.64 -22.11 20.70
C MET C 69 13.43 -23.29 21.28
N GLU C 70 14.75 -23.24 21.14
CA GLU C 70 15.58 -24.27 21.75
C GLU C 70 15.43 -24.24 23.27
N ARG C 71 15.37 -23.04 23.88
CA ARG C 71 15.17 -22.95 25.32
C ARG C 71 13.88 -23.62 25.76
N ASN C 72 12.84 -23.59 24.92
CA ASN C 72 11.54 -24.16 25.27
C ASN C 72 11.23 -25.46 24.52
N LYS C 73 12.27 -26.19 24.08
CA LYS C 73 12.03 -27.34 23.22
C LYS C 73 11.27 -28.46 23.94
N ASP C 74 11.29 -28.50 25.28
CA ASP C 74 10.49 -29.45 26.03
C ASP C 74 9.27 -28.82 26.68
N HIS C 75 9.04 -27.53 26.52
CA HIS C 75 7.92 -26.91 27.22
C HIS C 75 6.61 -27.40 26.61
N PRO C 76 5.66 -27.88 27.44
CA PRO C 76 4.44 -28.49 26.87
C PRO C 76 3.64 -27.53 26.02
N ALA C 77 3.80 -26.21 26.18
CA ALA C 77 3.09 -25.30 25.30
C ALA C 77 3.82 -25.08 23.99
N PHE C 78 5.01 -25.64 23.82
CA PHE C 78 5.72 -25.33 22.59
C PHE C 78 6.36 -26.56 21.96
N ALA C 79 6.72 -27.54 22.78
CA ALA C 79 7.50 -28.68 22.29
C ALA C 79 6.97 -29.31 20.99
N PRO C 80 5.66 -29.47 20.76
CA PRO C 80 5.23 -30.06 19.48
C PRO C 80 5.64 -29.27 18.25
N LEU C 81 6.01 -27.99 18.39
CA LEU C 81 6.37 -27.16 17.25
C LEU C 81 7.88 -26.95 17.13
N TYR C 82 8.68 -27.70 17.87
CA TYR C 82 10.12 -27.55 17.79
C TYR C 82 10.60 -28.36 16.59
N PHE C 83 11.11 -27.68 15.57
CA PHE C 83 11.56 -28.30 14.32
C PHE C 83 12.90 -27.70 13.92
N PRO C 84 13.96 -27.99 14.68
CA PRO C 84 15.26 -27.36 14.35
C PRO C 84 15.77 -27.76 12.97
N MET C 85 15.68 -29.04 12.60
CA MET C 85 16.24 -29.47 11.32
C MET C 85 15.43 -28.91 10.16
N GLU C 86 14.11 -28.87 10.28
CA GLU C 86 13.29 -28.43 9.17
C GLU C 86 13.25 -26.91 9.04
N LEU C 87 13.18 -26.18 10.15
CA LEU C 87 12.86 -24.76 10.07
C LEU C 87 14.03 -23.81 10.29
N HIS C 88 15.00 -24.14 11.15
CA HIS C 88 15.91 -23.10 11.66
C HIS C 88 16.78 -22.50 10.57
N ARG C 89 16.91 -21.17 10.64
CA ARG C 89 17.48 -20.37 9.58
C ARG C 89 18.85 -19.79 9.92
N LYS C 90 19.29 -19.87 11.18
CA LYS C 90 20.53 -19.18 11.58
C LYS C 90 21.72 -19.64 10.75
N GLU C 91 21.85 -20.95 10.53
CA GLU C 91 22.99 -21.44 9.75
C GLU C 91 22.94 -20.94 8.31
N ALA C 92 21.76 -20.99 7.68
CA ALA C 92 21.60 -20.44 6.33
C ALA C 92 21.97 -18.96 6.29
N LEU C 93 21.44 -18.18 7.24
CA LEU C 93 21.69 -16.74 7.23
C LEU C 93 23.16 -16.42 7.49
N THR C 94 23.84 -17.26 8.30
CA THR C 94 25.26 -17.07 8.53
C THR C 94 26.05 -17.20 7.23
N LYS C 95 25.69 -18.18 6.38
CA LYS C 95 26.34 -18.30 5.08
C LYS C 95 26.01 -17.12 4.18
N ASP C 96 24.76 -16.67 4.20
CA ASP C 96 24.42 -15.49 3.41
C ASP C 96 25.20 -14.26 3.89
N MET C 97 25.34 -14.09 5.21
CA MET C 97 26.16 -13.00 5.74
C MET C 97 27.60 -13.11 5.27
N GLU C 98 28.18 -14.32 5.37
CA GLU C 98 29.53 -14.55 4.88
C GLU C 98 29.65 -14.18 3.41
N TYR C 99 28.63 -14.49 2.61
CA TYR C 99 28.69 -14.23 1.17
C TYR C 99 28.67 -12.74 0.88
N PHE C 100 27.81 -11.97 1.54
CA PHE C 100 27.74 -10.54 1.25
C PHE C 100 28.85 -9.74 1.89
N PHE C 101 29.32 -10.13 3.07
CA PHE C 101 30.26 -9.30 3.82
C PHE C 101 31.65 -9.88 3.92
N GLY C 102 31.83 -11.16 3.66
CA GLY C 102 33.11 -11.82 3.88
C GLY C 102 33.19 -12.50 5.22
N GLU C 103 34.35 -13.10 5.48
CA GLU C 103 34.58 -13.86 6.71
C GLU C 103 34.48 -12.98 7.96
N ASN C 104 34.81 -11.69 7.84
CA ASN C 104 34.83 -10.77 8.98
C ASN C 104 33.47 -10.09 9.19
N TRP C 105 32.37 -10.74 8.82
CA TRP C 105 31.11 -10.03 8.70
C TRP C 105 30.60 -9.50 10.03
N GLU C 106 30.85 -10.22 11.15
CA GLU C 106 30.27 -9.81 12.43
C GLU C 106 30.80 -8.46 12.88
N GLU C 107 32.05 -8.15 12.51
CA GLU C 107 32.63 -6.84 12.83
C GLU C 107 32.04 -5.72 11.99
N GLN C 108 31.45 -6.04 10.84
CA GLN C 108 31.00 -5.02 9.92
C GLN C 108 29.58 -4.57 10.17
N VAL C 109 28.82 -5.25 11.04
CA VAL C 109 27.39 -5.03 11.09
C VAL C 109 26.96 -4.65 12.49
N GLN C 110 25.88 -3.89 12.57
CA GLN C 110 25.11 -3.70 13.79
C GLN C 110 23.66 -4.03 13.51
N CYS C 111 23.00 -4.67 14.46
CA CYS C 111 21.58 -4.93 14.32
C CYS C 111 20.82 -3.60 14.21
N PRO C 112 20.00 -3.41 13.16
CA PRO C 112 19.16 -2.20 13.07
C PRO C 112 18.27 -1.99 14.31
N LYS C 113 17.95 -0.73 14.58
CA LYS C 113 17.36 -0.36 15.87
C LYS C 113 15.97 -0.98 16.07
N ALA C 114 15.11 -0.91 15.06
CA ALA C 114 13.77 -1.49 15.23
C ALA C 114 13.83 -3.02 15.34
N ALA C 115 14.79 -3.66 14.65
CA ALA C 115 14.95 -5.10 14.79
C ALA C 115 15.44 -5.47 16.18
N GLN C 116 16.30 -4.64 16.77
CA GLN C 116 16.78 -4.93 18.12
C GLN C 116 15.63 -4.88 19.12
N LYS C 117 14.66 -3.99 18.89
CA LYS C 117 13.47 -3.96 19.74
C LYS C 117 12.64 -5.23 19.59
N TYR C 118 12.54 -5.76 18.37
CA TYR C 118 11.84 -7.02 18.17
C TYR C 118 12.60 -8.17 18.84
N VAL C 119 13.93 -8.19 18.69
CA VAL C 119 14.76 -9.19 19.37
C VAL C 119 14.49 -9.19 20.87
N GLU C 120 14.40 -7.99 21.48
CA GLU C 120 14.16 -7.91 22.92
C GLU C 120 12.80 -8.47 23.29
N ARG C 121 11.78 -8.22 22.47
CA ARG C 121 10.47 -8.77 22.73
C ARG C 121 10.49 -10.30 22.61
N ILE C 122 11.21 -10.81 21.61
CA ILE C 122 11.33 -12.24 21.42
C ILE C 122 11.94 -12.90 22.65
N HIS C 123 13.05 -12.34 23.16
CA HIS C 123 13.66 -12.89 24.37
C HIS C 123 12.73 -12.78 25.56
N TYR C 124 12.04 -11.65 25.72
CA TYR C 124 11.06 -11.56 26.81
C TYR C 124 10.03 -12.69 26.74
N ILE C 125 9.50 -12.97 25.54
CA ILE C 125 8.42 -13.95 25.42
C ILE C 125 8.96 -15.36 25.67
N GLY C 126 10.11 -15.68 25.07
CA GLY C 126 10.67 -17.00 25.26
C GLY C 126 11.03 -17.32 26.70
N GLN C 127 11.45 -16.29 27.46
CA GLN C 127 11.89 -16.53 28.83
C GLN C 127 10.78 -16.41 29.85
N ASN C 128 9.74 -15.62 29.58
CA ASN C 128 8.74 -15.31 30.58
C ASN C 128 7.32 -15.69 30.20
N GLU C 129 6.98 -15.76 28.91
CA GLU C 129 5.62 -16.16 28.50
C GLU C 129 5.71 -17.14 27.33
N PRO C 130 6.33 -18.31 27.56
CA PRO C 130 6.65 -19.20 26.44
C PRO C 130 5.43 -19.69 25.71
N GLU C 131 4.25 -19.63 26.31
CA GLU C 131 3.05 -20.08 25.61
C GLU C 131 2.68 -19.13 24.47
N LEU C 132 3.31 -17.95 24.39
CA LEU C 132 3.07 -17.01 23.31
C LEU C 132 4.15 -17.06 22.24
N LEU C 133 5.18 -17.87 22.45
CA LEU C 133 6.24 -17.98 21.46
C LEU C 133 5.68 -18.43 20.10
N VAL C 134 4.65 -19.27 20.09
CA VAL C 134 4.07 -19.73 18.81
C VAL C 134 3.59 -18.57 17.96
N ALA C 135 3.15 -17.46 18.57
CA ALA C 135 2.76 -16.30 17.77
C ALA C 135 3.92 -15.81 16.91
N HIS C 136 5.14 -15.89 17.42
CA HIS C 136 6.28 -15.40 16.66
C HIS C 136 6.77 -16.45 15.66
N ALA C 137 6.82 -17.70 16.10
CA ALA C 137 7.21 -18.79 15.21
C ALA C 137 6.25 -18.91 14.04
N TYR C 138 4.95 -18.75 14.31
CA TYR C 138 3.95 -18.92 13.27
C TYR C 138 4.04 -17.81 12.23
N THR C 139 4.13 -16.56 12.69
CA THR C 139 4.19 -15.47 11.73
C THR C 139 5.51 -15.40 10.98
N ARG C 140 6.56 -16.04 11.49
CA ARG C 140 7.80 -16.00 10.73
C ARG C 140 7.88 -17.19 9.76
N TYR C 141 7.85 -18.42 10.29
CA TYR C 141 8.22 -19.58 9.48
C TYR C 141 7.13 -19.98 8.49
N MET C 142 5.86 -19.73 8.81
CA MET C 142 4.82 -20.07 7.85
C MET C 142 4.85 -19.14 6.65
N GLY C 143 5.06 -17.85 6.88
CA GLY C 143 5.33 -16.95 5.77
C GLY C 143 6.54 -17.38 4.96
N ASP C 144 7.63 -17.76 5.65
CA ASP C 144 8.86 -18.13 4.95
C ASP C 144 8.64 -19.32 4.01
N LEU C 145 8.04 -20.39 4.53
CA LEU C 145 7.93 -21.63 3.79
C LEU C 145 7.18 -21.43 2.49
N SER C 146 6.04 -20.74 2.55
CA SER C 146 5.22 -20.57 1.36
C SER C 146 5.83 -19.55 0.42
N GLY C 147 6.04 -18.33 0.90
CA GLY C 147 6.55 -17.24 0.06
C GLY C 147 8.01 -17.34 -0.30
N GLY C 148 8.71 -18.34 0.21
CA GLY C 148 10.15 -18.46 0.05
C GLY C 148 10.68 -18.44 -1.37
N GLN C 149 10.17 -19.31 -2.24
CA GLN C 149 10.80 -19.39 -3.56
C GLN C 149 10.51 -18.16 -4.42
N VAL C 150 9.39 -17.49 -4.20
CA VAL C 150 9.10 -16.27 -4.94
C VAL C 150 10.07 -15.17 -4.57
N LEU C 151 10.33 -15.01 -3.26
CA LEU C 151 11.25 -13.97 -2.79
C LEU C 151 12.68 -14.28 -3.18
N LYS C 152 13.06 -15.56 -3.20
CA LYS C 152 14.41 -15.94 -3.61
C LYS C 152 14.68 -15.51 -5.05
N LYS C 153 13.74 -15.78 -5.96
CA LYS C 153 13.94 -15.45 -7.37
C LYS C 153 14.00 -13.93 -7.57
N VAL C 154 13.07 -13.19 -6.93
CA VAL C 154 13.11 -11.73 -7.02
C VAL C 154 14.49 -11.22 -6.60
N ALA C 155 15.00 -11.76 -5.49
CA ALA C 155 16.32 -11.33 -5.00
C ALA C 155 17.42 -11.68 -5.98
N GLN C 156 17.49 -12.95 -6.41
CA GLN C 156 18.58 -13.38 -7.30
C GLN C 156 18.65 -12.54 -8.56
N ARG C 157 17.49 -12.29 -9.17
CA ARG C 157 17.50 -11.49 -10.39
C ARG C 157 17.91 -10.06 -10.10
N ALA C 158 17.26 -9.42 -9.12
CA ALA C 158 17.50 -8.00 -8.86
C ALA C 158 18.97 -7.73 -8.56
N LEU C 159 19.66 -8.66 -7.90
CA LEU C 159 21.03 -8.42 -7.46
C LEU C 159 22.07 -9.20 -8.25
N LYS C 160 21.67 -9.95 -9.28
CA LYS C 160 22.62 -10.77 -10.06
C LYS C 160 23.28 -11.81 -9.17
N LEU C 161 22.47 -12.51 -8.42
CA LEU C 161 23.08 -13.49 -7.54
C LEU C 161 23.18 -14.84 -8.24
N PRO C 162 24.17 -15.68 -7.85
CA PRO C 162 24.38 -16.96 -8.54
C PRO C 162 23.12 -17.83 -8.56
N SER C 163 22.95 -18.56 -9.65
CA SER C 163 21.86 -19.52 -9.74
C SER C 163 22.05 -20.70 -8.80
N THR C 164 23.26 -20.87 -8.26
CA THR C 164 23.58 -21.94 -7.32
C THR C 164 23.14 -21.66 -5.88
N GLY C 165 22.75 -20.42 -5.55
CA GLY C 165 22.07 -20.14 -4.29
C GLY C 165 22.82 -19.28 -3.29
N GLU C 166 24.08 -18.96 -3.53
CA GLU C 166 24.86 -18.20 -2.56
C GLU C 166 24.21 -16.83 -2.33
N GLY C 167 24.07 -16.45 -1.06
CA GLY C 167 23.39 -15.23 -0.69
C GLY C 167 21.89 -15.33 -0.48
N THR C 168 21.25 -16.41 -0.92
CA THR C 168 19.81 -16.58 -0.77
C THR C 168 19.48 -17.89 -0.08
N GLN C 169 20.41 -18.47 0.68
CA GLN C 169 20.10 -19.74 1.32
C GLN C 169 19.07 -19.60 2.41
N PHE C 170 18.86 -18.39 2.92
CA PHE C 170 17.77 -18.16 3.86
C PHE C 170 16.44 -18.63 3.30
N TYR C 171 16.22 -18.46 1.99
CA TYR C 171 14.92 -18.69 1.37
C TYR C 171 14.72 -20.14 0.92
N LEU C 172 15.69 -21.01 1.13
CA LEU C 172 15.58 -22.40 0.74
C LEU C 172 15.54 -23.27 1.99
N PHE C 173 14.49 -24.09 2.11
CA PHE C 173 14.33 -25.05 3.20
C PHE C 173 14.73 -26.45 2.72
N GLU C 174 16.06 -26.71 2.75
CA GLU C 174 16.58 -27.98 2.23
C GLU C 174 15.93 -29.18 2.87
N ASN C 175 15.57 -29.09 4.15
CA ASN C 175 15.11 -30.26 4.88
C ASN C 175 13.59 -30.36 4.96
N VAL C 176 12.89 -29.61 4.12
CA VAL C 176 11.43 -29.66 4.06
C VAL C 176 11.07 -30.24 2.71
N ASP C 177 10.55 -31.47 2.72
CA ASP C 177 10.25 -32.15 1.46
C ASP C 177 9.20 -31.41 0.65
N ASN C 178 8.10 -31.03 1.31
CA ASN C 178 6.96 -30.43 0.63
C ASN C 178 6.44 -29.33 1.56
N ALA C 179 6.53 -28.08 1.10
CA ALA C 179 6.27 -26.95 1.99
C ALA C 179 4.79 -26.90 2.39
N GLN C 180 3.89 -27.14 1.44
CA GLN C 180 2.47 -27.12 1.77
C GLN C 180 2.11 -28.25 2.72
N GLN C 181 2.74 -29.42 2.57
CA GLN C 181 2.45 -30.50 3.49
C GLN C 181 2.97 -30.20 4.90
N PHE C 182 4.17 -29.62 5.00
CA PHE C 182 4.69 -29.29 6.32
C PHE C 182 3.82 -28.26 7.02
N LYS C 183 3.36 -27.23 6.29
CA LYS C 183 2.49 -26.20 6.87
C LYS C 183 1.19 -26.80 7.40
N GLN C 184 0.62 -27.76 6.68
CA GLN C 184 -0.59 -28.44 7.15
C GLN C 184 -0.31 -29.19 8.44
N LEU C 185 0.83 -29.87 8.52
CA LEU C 185 1.20 -30.59 9.73
C LEU C 185 1.46 -29.62 10.89
N TYR C 186 2.14 -28.52 10.61
CA TYR C 186 2.42 -27.53 11.64
C TYR C 186 1.11 -26.96 12.21
N ARG C 187 0.21 -26.51 11.32
CA ARG C 187 -1.06 -25.98 11.79
C ARG C 187 -1.81 -27.02 12.62
N ALA C 188 -1.83 -28.28 12.16
CA ALA C 188 -2.58 -29.30 12.89
C ALA C 188 -1.98 -29.51 14.28
N ARG C 189 -0.65 -29.45 14.39
CA ARG C 189 -0.05 -29.54 15.72
C ARG C 189 -0.40 -28.31 16.57
N MET C 190 -0.36 -27.13 15.96
CA MET C 190 -0.74 -25.89 16.63
C MET C 190 -2.17 -25.97 17.14
N ASN C 191 -3.07 -26.53 16.32
CA ASN C 191 -4.46 -26.60 16.71
C ASN C 191 -4.75 -27.67 17.76
N ALA C 192 -3.82 -28.60 17.99
CA ALA C 192 -4.00 -29.56 19.05
C ALA C 192 -3.41 -29.11 20.39
N LEU C 193 -2.71 -27.98 20.42
CA LEU C 193 -2.26 -27.43 21.70
C LEU C 193 -3.45 -27.24 22.63
N ASP C 194 -3.34 -27.74 23.85
CA ASP C 194 -4.45 -27.60 24.80
C ASP C 194 -4.35 -26.21 25.40
N LEU C 195 -5.11 -25.28 24.84
CA LEU C 195 -5.05 -23.88 25.21
C LEU C 195 -6.47 -23.40 25.47
N ASN C 196 -6.66 -22.65 26.55
CA ASN C 196 -7.98 -22.07 26.75
C ASN C 196 -8.13 -20.85 25.84
N MET C 197 -9.37 -20.36 25.74
CA MET C 197 -9.66 -19.31 24.77
C MET C 197 -8.95 -18.01 25.11
N LYS C 198 -8.73 -17.72 26.40
CA LYS C 198 -8.04 -16.50 26.77
C LYS C 198 -6.60 -16.53 26.28
N THR C 199 -5.93 -17.69 26.41
CA THR C 199 -4.56 -17.83 25.93
C THR C 199 -4.49 -17.73 24.41
N LYS C 200 -5.44 -18.35 23.70
CA LYS C 200 -5.48 -18.22 22.25
C LYS C 200 -5.62 -16.77 21.83
N GLU C 201 -6.47 -16.01 22.52
CA GLU C 201 -6.62 -14.60 22.18
C GLU C 201 -5.36 -13.81 22.52
N ARG C 202 -4.65 -14.16 23.60
CA ARG C 202 -3.35 -13.55 23.84
C ARG C 202 -2.33 -13.93 22.76
N ILE C 203 -2.46 -15.13 22.19
CA ILE C 203 -1.59 -15.49 21.07
C ILE C 203 -1.90 -14.65 19.86
N VAL C 204 -3.18 -14.40 19.59
CA VAL C 204 -3.55 -13.57 18.45
C VAL C 204 -3.03 -12.14 18.64
N GLU C 205 -3.13 -11.62 19.87
CA GLU C 205 -2.63 -10.27 20.14
C GLU C 205 -1.11 -10.18 19.97
N GLU C 206 -0.39 -11.19 20.41
CA GLU C 206 1.07 -11.22 20.24
C GLU C 206 1.45 -11.31 18.77
N ALA C 207 0.63 -11.97 17.94
CA ALA C 207 0.96 -12.09 16.53
C ALA C 207 0.75 -10.77 15.80
N ASN C 208 -0.32 -10.04 16.14
CA ASN C 208 -0.47 -8.65 15.68
C ASN C 208 0.71 -7.79 16.12
N LYS C 209 1.15 -7.95 17.37
CA LYS C 209 2.34 -7.24 17.83
C LYS C 209 3.57 -7.60 16.97
N ALA C 210 3.71 -8.89 16.62
CA ALA C 210 4.82 -9.27 15.73
C ALA C 210 4.73 -8.58 14.37
N PHE C 211 3.52 -8.57 13.77
CA PHE C 211 3.39 -7.88 12.49
C PHE C 211 3.71 -6.40 12.63
N GLU C 212 3.36 -5.81 13.77
CA GLU C 212 3.69 -4.40 13.98
C GLU C 212 5.20 -4.20 14.06
N TYR C 213 5.94 -5.12 14.70
CA TYR C 213 7.39 -5.04 14.68
C TYR C 213 7.94 -5.23 13.27
N ASN C 214 7.36 -6.14 12.49
CA ASN C 214 7.78 -6.29 11.10
C ASN C 214 7.66 -4.96 10.36
N MET C 215 6.49 -4.33 10.45
CA MET C 215 6.28 -3.10 9.72
C MET C 215 7.29 -2.02 10.13
N GLN C 216 7.62 -1.93 11.43
CA GLN C 216 8.61 -0.93 11.87
C GLN C 216 10.00 -1.24 11.33
N ILE C 217 10.36 -2.52 11.21
CA ILE C 217 11.63 -2.86 10.60
C ILE C 217 11.63 -2.50 9.11
N PHE C 218 10.51 -2.78 8.42
CA PHE C 218 10.36 -2.39 7.01
C PHE C 218 10.49 -0.88 6.85
N ASN C 219 9.79 -0.10 7.68
CA ASN C 219 9.86 1.35 7.52
C ASN C 219 11.27 1.87 7.81
N GLU C 220 11.96 1.30 8.81
CA GLU C 220 13.34 1.72 9.06
C GLU C 220 14.27 1.34 7.90
N LEU C 221 14.05 0.19 7.28
CA LEU C 221 14.82 -0.17 6.07
C LEU C 221 14.54 0.81 4.94
N ASP C 222 13.27 1.20 4.75
CA ASP C 222 12.92 2.19 3.73
C ASP C 222 13.65 3.51 3.96
N GLN C 223 13.78 3.92 5.22
CA GLN C 223 14.45 5.17 5.56
C GLN C 223 15.98 5.09 5.52
N ALA C 224 16.56 3.90 5.50
CA ALA C 224 18.02 3.78 5.48
C ALA C 224 18.60 4.29 4.15
N ALA D 15 -16.43 -15.88 -28.73
CA ALA D 15 -15.77 -16.90 -29.52
C ALA D 15 -14.36 -17.15 -29.03
N ASP D 16 -13.56 -17.80 -29.88
CA ASP D 16 -12.16 -18.08 -29.59
C ASP D 16 -11.38 -16.80 -29.36
N LEU D 17 -10.52 -16.82 -28.32
CA LEU D 17 -9.67 -15.66 -28.04
C LEU D 17 -8.84 -15.27 -29.26
N SER D 18 -8.29 -16.25 -29.98
CA SER D 18 -7.46 -15.94 -31.15
C SER D 18 -8.25 -15.18 -32.22
N GLU D 19 -9.55 -15.46 -32.33
CA GLU D 19 -10.39 -14.78 -33.32
C GLU D 19 -10.75 -13.37 -32.89
N LEU D 20 -11.11 -13.20 -31.61
CA LEU D 20 -11.35 -11.87 -31.08
C LEU D 20 -10.12 -10.98 -31.25
N LEU D 21 -8.93 -11.55 -31.06
CA LEU D 21 -7.70 -10.78 -31.26
C LEU D 21 -7.51 -10.42 -32.74
N LYS D 22 -7.74 -11.39 -33.63
CA LYS D 22 -7.57 -11.13 -35.06
C LYS D 22 -8.50 -10.03 -35.56
N GLU D 23 -9.77 -10.04 -35.12
CA GLU D 23 -10.70 -9.01 -35.56
C GLU D 23 -10.48 -7.69 -34.82
N GLY D 24 -10.14 -7.75 -33.54
CA GLY D 24 -10.13 -6.54 -32.73
C GLY D 24 -8.84 -5.76 -32.71
N THR D 25 -7.75 -6.29 -33.29
CA THR D 25 -6.47 -5.58 -33.27
C THR D 25 -6.04 -5.06 -34.63
N LYS D 26 -6.88 -5.20 -35.67
CA LYS D 26 -6.45 -4.86 -37.01
C LYS D 26 -6.01 -3.39 -37.13
N GLU D 27 -6.74 -2.46 -36.50
CA GLU D 27 -6.39 -1.05 -36.67
C GLU D 27 -5.02 -0.73 -36.08
N ALA D 28 -4.78 -1.13 -34.82
CA ALA D 28 -3.52 -0.82 -34.16
C ALA D 28 -2.37 -1.56 -34.83
N HIS D 29 -2.63 -2.77 -35.30
CA HIS D 29 -1.61 -3.54 -36.01
C HIS D 29 -1.21 -2.83 -37.30
N ASP D 30 -2.19 -2.30 -38.04
CA ASP D 30 -1.90 -1.60 -39.28
C ASP D 30 -1.10 -0.34 -39.04
N ARG D 31 -1.47 0.43 -38.01
CA ARG D 31 -0.72 1.64 -37.70
C ARG D 31 0.73 1.36 -37.33
N ALA D 32 1.02 0.20 -36.73
CA ALA D 32 2.42 -0.13 -36.42
C ALA D 32 3.18 -0.48 -37.68
N GLU D 33 2.59 -1.34 -38.52
CA GLU D 33 3.25 -1.77 -39.75
C GLU D 33 3.43 -0.64 -40.76
N ASN D 34 2.70 0.46 -40.64
CA ASN D 34 2.74 1.54 -41.59
C ASN D 34 3.54 2.72 -41.08
N THR D 35 4.27 2.57 -39.98
CA THR D 35 5.18 3.62 -39.58
C THR D 35 6.28 3.75 -40.62
N GLN D 36 6.89 4.94 -40.65
CA GLN D 36 7.98 5.17 -41.59
C GLN D 36 9.17 4.27 -41.30
N PHE D 37 9.40 3.94 -40.03
CA PHE D 37 10.49 3.03 -39.70
C PHE D 37 10.31 1.68 -40.38
N VAL D 38 9.12 1.10 -40.27
CA VAL D 38 8.92 -0.23 -40.87
C VAL D 38 9.03 -0.16 -42.39
N LYS D 39 8.44 0.87 -43.01
CA LYS D 39 8.51 0.98 -44.46
C LYS D 39 9.94 1.17 -44.93
N ASP D 40 10.72 2.00 -44.23
CA ASP D 40 12.14 2.15 -44.57
C ASP D 40 12.88 0.83 -44.39
N PHE D 41 12.65 0.16 -43.25
CA PHE D 41 13.36 -1.09 -43.00
C PHE D 41 13.12 -2.10 -44.12
N LEU D 42 11.84 -2.32 -44.45
CA LEU D 42 11.52 -3.31 -45.49
C LEU D 42 12.17 -2.95 -46.82
N LYS D 43 12.39 -1.66 -47.09
CA LYS D 43 13.07 -1.23 -48.31
C LYS D 43 14.57 -1.35 -48.23
N GLY D 44 15.12 -1.73 -47.07
CA GLY D 44 16.54 -1.87 -46.92
C GLY D 44 17.24 -0.60 -46.55
N ASN D 45 16.51 0.40 -46.09
CA ASN D 45 17.00 1.73 -45.74
C ASN D 45 17.14 1.91 -44.23
N ILE D 46 17.78 1.00 -43.50
CA ILE D 46 18.13 1.27 -42.12
C ILE D 46 19.65 1.13 -41.99
N LYS D 47 20.30 2.15 -41.45
CA LYS D 47 21.75 2.14 -41.29
C LYS D 47 22.13 1.46 -39.97
N LYS D 48 23.43 1.15 -39.84
CA LYS D 48 23.91 0.32 -38.73
C LYS D 48 23.56 0.91 -37.36
N GLU D 49 23.87 2.20 -37.13
CA GLU D 49 23.61 2.75 -35.80
C GLU D 49 22.12 2.70 -35.46
N LEU D 50 21.25 2.92 -36.45
CA LEU D 50 19.82 2.84 -36.16
C LEU D 50 19.39 1.40 -35.86
N PHE D 51 19.91 0.43 -36.61
CA PHE D 51 19.58 -0.97 -36.33
C PHE D 51 20.04 -1.36 -34.93
N LYS D 52 21.21 -0.86 -34.52
CA LYS D 52 21.69 -1.11 -33.16
C LYS D 52 20.72 -0.55 -32.12
N LEU D 53 20.16 0.63 -32.38
CA LEU D 53 19.20 1.21 -31.46
C LEU D 53 17.93 0.38 -31.42
N ALA D 54 17.51 -0.15 -32.57
CA ALA D 54 16.31 -0.98 -32.57
C ALA D 54 16.57 -2.27 -31.81
N THR D 55 17.73 -2.87 -32.06
CA THR D 55 18.09 -4.11 -31.37
C THR D 55 18.16 -3.90 -29.87
N THR D 56 18.64 -2.73 -29.44
CA THR D 56 18.62 -2.37 -28.01
C THR D 56 17.20 -2.37 -27.46
N ALA D 57 16.27 -1.75 -28.19
CA ALA D 57 14.87 -1.75 -27.78
C ALA D 57 14.34 -3.17 -27.62
N LEU D 58 14.70 -4.05 -28.56
CA LEU D 58 14.26 -5.45 -28.47
C LEU D 58 14.84 -6.13 -27.23
N TYR D 59 16.14 -5.93 -26.97
CA TYR D 59 16.75 -6.54 -25.79
C TYR D 59 15.97 -6.21 -24.51
N PHE D 60 15.74 -4.91 -24.25
CA PHE D 60 15.11 -4.55 -23.00
C PHE D 60 13.65 -5.00 -22.94
N THR D 61 12.92 -4.93 -24.06
CA THR D 61 11.51 -5.36 -24.09
C THR D 61 11.38 -6.84 -23.81
N TYR D 62 12.11 -7.67 -24.54
CA TYR D 62 11.96 -9.12 -24.40
C TYR D 62 12.55 -9.59 -23.09
N SER D 63 13.58 -8.90 -22.61
CA SER D 63 14.10 -9.23 -21.29
C SER D 63 13.02 -9.07 -20.23
N ALA D 64 12.28 -7.97 -20.30
CA ALA D 64 11.21 -7.74 -19.31
C ALA D 64 10.05 -8.71 -19.52
N LEU D 65 9.66 -8.96 -20.76
CA LEU D 65 8.54 -9.88 -20.99
C LEU D 65 8.90 -11.29 -20.54
N GLU D 66 10.11 -11.73 -20.84
CA GLU D 66 10.46 -13.09 -20.46
C GLU D 66 10.63 -13.22 -18.96
N GLU D 67 11.05 -12.15 -18.30
CA GLU D 67 11.05 -12.14 -16.84
C GLU D 67 9.63 -12.30 -16.30
N GLU D 68 8.67 -11.57 -16.86
CA GLU D 68 7.30 -11.68 -16.37
C GLU D 68 6.63 -13.00 -16.72
N MET D 69 6.95 -13.58 -17.88
CA MET D 69 6.40 -14.90 -18.18
C MET D 69 6.98 -15.96 -17.24
N GLU D 70 8.26 -15.85 -16.90
CA GLU D 70 8.82 -16.79 -15.93
C GLU D 70 8.20 -16.59 -14.55
N ARG D 71 7.98 -15.34 -14.12
CA ARG D 71 7.35 -15.12 -12.82
C ARG D 71 5.96 -15.75 -12.77
N ASN D 72 5.29 -15.83 -13.91
CA ASN D 72 3.91 -16.32 -13.95
C ASN D 72 3.80 -17.71 -14.57
N LYS D 73 4.90 -18.48 -14.53
CA LYS D 73 4.93 -19.75 -15.26
C LYS D 73 3.96 -20.77 -14.70
N ASP D 74 3.58 -20.67 -13.43
CA ASP D 74 2.64 -21.60 -12.83
C ASP D 74 1.24 -21.00 -12.72
N HIS D 75 1.06 -19.75 -13.12
CA HIS D 75 -0.25 -19.11 -12.98
C HIS D 75 -1.27 -19.78 -13.90
N PRO D 76 -2.49 -20.05 -13.39
CA PRO D 76 -3.50 -20.74 -14.21
C PRO D 76 -3.87 -20.02 -15.50
N ALA D 77 -3.92 -18.69 -15.50
CA ALA D 77 -4.29 -17.99 -16.73
C ALA D 77 -3.13 -17.81 -17.71
N PHE D 78 -1.95 -18.36 -17.44
CA PHE D 78 -0.86 -18.19 -18.40
C PHE D 78 -0.01 -19.43 -18.60
N ALA D 79 0.13 -20.29 -17.60
CA ALA D 79 1.08 -21.41 -17.61
C ALA D 79 1.07 -22.25 -18.88
N PRO D 80 -0.06 -22.53 -19.54
CA PRO D 80 0.02 -23.34 -20.78
C PRO D 80 0.83 -22.70 -21.88
N LEU D 81 1.08 -21.39 -21.82
CA LEU D 81 1.76 -20.67 -22.88
C LEU D 81 3.20 -20.35 -22.51
N TYR D 82 3.71 -20.97 -21.44
CA TYR D 82 5.10 -20.79 -21.08
C TYR D 82 5.95 -21.70 -21.94
N PHE D 83 6.78 -21.12 -22.81
CA PHE D 83 7.59 -21.87 -23.77
C PHE D 83 9.00 -21.29 -23.80
N PRO D 84 9.75 -21.44 -22.70
CA PRO D 84 11.09 -20.83 -22.69
C PRO D 84 12.02 -21.36 -23.76
N MET D 85 11.93 -22.66 -24.07
CA MET D 85 12.90 -23.21 -25.01
C MET D 85 12.55 -22.88 -26.44
N GLU D 86 11.26 -22.85 -26.77
CA GLU D 86 10.87 -22.55 -28.14
C GLU D 86 10.94 -21.06 -28.45
N LEU D 87 10.49 -20.19 -27.53
CA LEU D 87 10.20 -18.80 -27.88
C LEU D 87 11.23 -17.79 -27.38
N HIS D 88 11.83 -18.00 -26.21
CA HIS D 88 12.52 -16.91 -25.53
C HIS D 88 13.69 -16.38 -26.35
N ARG D 89 13.83 -15.05 -26.36
CA ARG D 89 14.73 -14.34 -27.26
C ARG D 89 15.91 -13.68 -26.56
N LYS D 90 15.87 -13.58 -25.22
CA LYS D 90 16.87 -12.81 -24.48
C LYS D 90 18.29 -13.28 -24.79
N GLU D 91 18.50 -14.60 -24.78
CA GLU D 91 19.80 -15.18 -25.09
C GLU D 91 20.24 -14.83 -26.52
N ALA D 92 19.33 -14.94 -27.49
CA ALA D 92 19.68 -14.55 -28.86
C ALA D 92 20.01 -13.06 -28.95
N LEU D 93 19.24 -12.20 -28.28
CA LEU D 93 19.50 -10.77 -28.37
C LEU D 93 20.78 -10.38 -27.65
N THR D 94 21.14 -11.13 -26.60
CA THR D 94 22.41 -10.88 -25.94
C THR D 94 23.56 -11.09 -26.92
N LYS D 95 23.50 -12.17 -27.70
CA LYS D 95 24.53 -12.40 -28.71
C LYS D 95 24.53 -11.30 -29.77
N ASP D 96 23.35 -10.82 -30.17
CA ASP D 96 23.33 -9.76 -31.17
C ASP D 96 23.93 -8.48 -30.60
N MET D 97 23.62 -8.15 -29.34
CA MET D 97 24.21 -6.96 -28.72
C MET D 97 25.73 -7.09 -28.63
N GLU D 98 26.22 -8.24 -28.15
CA GLU D 98 27.67 -8.45 -28.11
C GLU D 98 28.28 -8.26 -29.48
N TYR D 99 27.63 -8.78 -30.53
CA TYR D 99 28.18 -8.68 -31.86
C TYR D 99 28.28 -7.22 -32.33
N PHE D 100 27.26 -6.41 -32.02
CA PHE D 100 27.24 -5.06 -32.54
C PHE D 100 28.06 -4.09 -31.68
N PHE D 101 28.08 -4.29 -30.36
CA PHE D 101 28.75 -3.35 -29.46
C PHE D 101 30.05 -3.87 -28.83
N GLY D 102 30.34 -5.15 -28.92
CA GLY D 102 31.45 -5.71 -28.17
C GLY D 102 31.03 -6.13 -26.77
N GLU D 103 32.01 -6.69 -26.05
CA GLU D 103 31.74 -7.34 -24.77
C GLU D 103 31.21 -6.37 -23.71
N ASN D 104 31.55 -5.08 -23.82
CA ASN D 104 31.17 -4.07 -22.85
C ASN D 104 29.81 -3.45 -23.22
N TRP D 105 28.96 -4.20 -23.92
CA TRP D 105 27.78 -3.57 -24.54
C TRP D 105 26.83 -2.93 -23.54
N GLU D 106 26.74 -3.49 -22.32
CA GLU D 106 25.80 -2.93 -21.34
C GLU D 106 26.19 -1.53 -20.89
N GLU D 107 27.49 -1.24 -20.86
CA GLU D 107 27.90 0.12 -20.54
C GLU D 107 27.65 1.11 -21.67
N GLN D 108 27.36 0.64 -22.89
CA GLN D 108 27.23 1.53 -24.04
C GLN D 108 25.81 1.88 -24.41
N VAL D 109 24.82 1.21 -23.84
CA VAL D 109 23.45 1.38 -24.31
C VAL D 109 22.60 1.95 -23.19
N GLN D 110 21.52 2.62 -23.58
CA GLN D 110 20.42 2.86 -22.67
C GLN D 110 19.13 2.65 -23.44
N CYS D 111 18.14 2.10 -22.75
CA CYS D 111 16.89 1.77 -23.39
C CYS D 111 16.18 3.03 -23.91
N PRO D 112 15.72 3.05 -25.17
CA PRO D 112 14.94 4.20 -25.67
C PRO D 112 13.74 4.54 -24.79
N LYS D 113 13.39 5.83 -24.78
CA LYS D 113 12.34 6.31 -23.88
C LYS D 113 11.04 5.55 -24.07
N ALA D 114 10.59 5.38 -25.32
CA ALA D 114 9.31 4.70 -25.54
C ALA D 114 9.37 3.22 -25.15
N ALA D 115 10.52 2.57 -25.38
CA ALA D 115 10.67 1.18 -25.00
C ALA D 115 10.68 1.01 -23.49
N GLN D 116 11.31 1.96 -22.77
CA GLN D 116 11.29 1.92 -21.30
C GLN D 116 9.86 2.06 -20.76
N LYS D 117 9.03 2.87 -21.40
CA LYS D 117 7.63 2.92 -21.02
C LYS D 117 6.93 1.58 -21.28
N TYR D 118 7.23 0.93 -22.40
CA TYR D 118 6.65 -0.38 -22.67
C TYR D 118 7.12 -1.41 -21.62
N VAL D 119 8.42 -1.36 -21.27
CA VAL D 119 8.98 -2.23 -20.23
C VAL D 119 8.22 -2.07 -18.93
N GLU D 120 7.92 -0.83 -18.55
CA GLU D 120 7.22 -0.62 -17.29
C GLU D 120 5.78 -1.13 -17.35
N ARG D 121 5.12 -1.00 -18.50
CA ARG D 121 3.79 -1.59 -18.63
C ARG D 121 3.86 -3.12 -18.57
N ILE D 122 4.88 -3.72 -19.18
CA ILE D 122 5.03 -5.17 -19.15
C ILE D 122 5.19 -5.65 -17.71
N HIS D 123 6.05 -4.98 -16.93
CA HIS D 123 6.23 -5.37 -15.53
C HIS D 123 4.96 -5.15 -14.74
N TYR D 124 4.23 -4.06 -15.00
CA TYR D 124 2.97 -3.83 -14.29
C TYR D 124 2.00 -4.97 -14.56
N ILE D 125 1.79 -5.33 -15.83
CA ILE D 125 0.89 -6.42 -16.17
C ILE D 125 1.34 -7.71 -15.50
N GLY D 126 2.63 -8.01 -15.57
CA GLY D 126 3.10 -9.28 -15.04
C GLY D 126 2.99 -9.38 -13.53
N GLN D 127 3.14 -8.26 -12.83
CA GLN D 127 3.06 -8.28 -11.39
C GLN D 127 1.64 -8.08 -10.87
N ASN D 128 0.74 -7.53 -11.68
CA ASN D 128 -0.58 -7.14 -11.19
C ASN D 128 -1.75 -7.76 -11.92
N GLU D 129 -1.64 -8.02 -13.23
CA GLU D 129 -2.75 -8.59 -13.99
C GLU D 129 -2.25 -9.70 -14.90
N PRO D 130 -1.81 -10.82 -14.32
CA PRO D 130 -1.18 -11.88 -15.12
C PRO D 130 -2.09 -12.44 -16.21
N GLU D 131 -3.41 -12.40 -16.04
CA GLU D 131 -4.31 -12.91 -17.06
C GLU D 131 -4.22 -12.12 -18.37
N LEU D 132 -3.63 -10.91 -18.35
CA LEU D 132 -3.43 -10.11 -19.56
C LEU D 132 -2.03 -10.25 -20.14
N LEU D 133 -1.15 -11.02 -19.52
CA LEU D 133 0.20 -11.16 -20.04
C LEU D 133 0.19 -11.80 -21.43
N VAL D 134 -0.77 -12.69 -21.69
CA VAL D 134 -0.90 -13.29 -23.01
C VAL D 134 -1.00 -12.23 -24.09
N ALA D 135 -1.58 -11.06 -23.79
CA ALA D 135 -1.71 -10.07 -24.86
C ALA D 135 -0.33 -9.64 -25.35
N HIS D 136 0.63 -9.49 -24.44
CA HIS D 136 1.96 -9.08 -24.86
C HIS D 136 2.74 -10.22 -25.51
N ALA D 137 2.67 -11.44 -24.97
CA ALA D 137 3.38 -12.55 -25.58
C ALA D 137 2.84 -12.83 -26.98
N TYR D 138 1.52 -12.88 -27.12
CA TYR D 138 0.91 -13.17 -28.42
C TYR D 138 1.34 -12.18 -29.47
N THR D 139 1.23 -10.88 -29.17
CA THR D 139 1.55 -9.89 -30.20
C THR D 139 3.04 -9.90 -30.54
N ARG D 140 3.90 -10.23 -29.58
CA ARG D 140 5.32 -10.27 -29.92
C ARG D 140 5.65 -11.54 -30.70
N TYR D 141 5.42 -12.73 -30.09
CA TYR D 141 6.02 -13.96 -30.63
C TYR D 141 5.33 -14.46 -31.90
N MET D 142 4.03 -14.27 -32.07
CA MET D 142 3.37 -14.78 -33.27
C MET D 142 3.95 -14.14 -34.53
N GLY D 143 4.11 -12.81 -34.53
CA GLY D 143 4.69 -12.14 -35.69
C GLY D 143 6.17 -12.42 -35.87
N ASP D 144 6.92 -12.59 -34.76
CA ASP D 144 8.32 -12.98 -34.85
C ASP D 144 8.48 -14.30 -35.59
N LEU D 145 7.62 -15.26 -35.28
CA LEU D 145 7.76 -16.61 -35.81
C LEU D 145 7.57 -16.64 -37.32
N SER D 146 6.56 -15.93 -37.84
CA SER D 146 6.27 -16.02 -39.26
C SER D 146 7.03 -15.00 -40.10
N GLY D 147 7.30 -13.81 -39.57
CA GLY D 147 7.98 -12.79 -40.34
C GLY D 147 9.50 -12.71 -40.21
N GLY D 148 10.11 -13.52 -39.33
CA GLY D 148 11.51 -13.33 -39.02
C GLY D 148 12.44 -13.57 -40.19
N GLN D 149 12.21 -14.61 -40.99
CA GLN D 149 13.14 -14.93 -42.06
C GLN D 149 13.25 -13.78 -43.07
N VAL D 150 12.11 -13.19 -43.44
CA VAL D 150 12.11 -12.05 -44.37
C VAL D 150 12.82 -10.85 -43.76
N LEU D 151 12.57 -10.56 -42.48
CA LEU D 151 13.25 -9.44 -41.83
C LEU D 151 14.76 -9.69 -41.73
N LYS D 152 15.16 -10.91 -41.38
CA LYS D 152 16.57 -11.26 -41.30
C LYS D 152 17.28 -11.07 -42.65
N LYS D 153 16.62 -11.48 -43.73
CA LYS D 153 17.27 -11.40 -45.03
C LYS D 153 17.50 -9.94 -45.42
N VAL D 154 16.51 -9.09 -45.14
CA VAL D 154 16.65 -7.67 -45.43
C VAL D 154 17.78 -7.04 -44.62
N ALA D 155 17.87 -7.37 -43.32
CA ALA D 155 18.93 -6.75 -42.50
C ALA D 155 20.32 -7.25 -42.92
N GLN D 156 20.43 -8.55 -43.24
CA GLN D 156 21.73 -9.07 -43.66
C GLN D 156 22.22 -8.40 -44.94
N ARG D 157 21.31 -8.13 -45.87
CA ARG D 157 21.72 -7.51 -47.13
C ARG D 157 22.03 -6.02 -46.93
N ALA D 158 21.13 -5.28 -46.28
CA ALA D 158 21.34 -3.85 -46.08
C ALA D 158 22.57 -3.53 -45.26
N LEU D 159 22.91 -4.37 -44.28
CA LEU D 159 24.01 -4.06 -43.36
C LEU D 159 25.25 -4.91 -43.60
N LYS D 160 25.29 -5.67 -44.69
CA LYS D 160 26.43 -6.52 -45.03
C LYS D 160 26.88 -7.33 -43.82
N LEU D 161 25.93 -8.13 -43.30
CA LEU D 161 26.17 -8.96 -42.13
C LEU D 161 26.62 -10.35 -42.55
N PRO D 162 27.36 -11.06 -41.70
CA PRO D 162 27.83 -12.40 -42.07
C PRO D 162 26.66 -13.33 -42.37
N SER D 163 26.86 -14.19 -43.37
CA SER D 163 25.83 -15.18 -43.69
C SER D 163 25.72 -16.26 -42.61
N THR D 164 26.69 -16.34 -41.70
CA THR D 164 26.60 -17.23 -40.55
C THR D 164 25.47 -16.84 -39.60
N GLY D 165 24.96 -15.60 -39.67
CA GLY D 165 23.82 -15.18 -38.86
C GLY D 165 24.15 -14.26 -37.71
N GLU D 166 25.41 -13.89 -37.49
CA GLU D 166 25.76 -13.01 -36.38
C GLU D 166 25.05 -11.68 -36.53
N GLY D 167 24.46 -11.22 -35.43
CA GLY D 167 23.71 -9.99 -35.43
C GLY D 167 22.24 -10.11 -35.80
N THR D 168 21.78 -11.30 -36.22
CA THR D 168 20.37 -11.50 -36.55
C THR D 168 19.81 -12.77 -35.90
N GLN D 169 20.44 -13.24 -34.82
CA GLN D 169 19.97 -14.47 -34.19
C GLN D 169 18.58 -14.30 -33.57
N PHE D 170 18.23 -13.06 -33.21
CA PHE D 170 16.86 -12.74 -32.78
C PHE D 170 15.83 -13.31 -33.75
N TYR D 171 16.10 -13.22 -35.05
CA TYR D 171 15.10 -13.57 -36.07
C TYR D 171 15.04 -15.06 -36.40
N LEU D 172 15.83 -15.90 -35.76
CA LEU D 172 15.83 -17.33 -36.00
C LEU D 172 15.39 -18.06 -34.74
N PHE D 173 14.30 -18.83 -34.84
CA PHE D 173 13.82 -19.63 -33.72
C PHE D 173 14.41 -21.03 -33.87
N GLU D 174 15.63 -21.18 -33.33
CA GLU D 174 16.43 -22.36 -33.54
C GLU D 174 15.78 -23.63 -32.99
N ASN D 175 14.83 -23.52 -32.06
CA ASN D 175 14.18 -24.71 -31.49
C ASN D 175 12.74 -24.87 -31.93
N VAL D 176 12.32 -24.18 -33.00
CA VAL D 176 11.01 -24.39 -33.58
C VAL D 176 11.20 -24.90 -35.00
N ASP D 177 10.81 -26.16 -35.21
CA ASP D 177 10.94 -26.78 -36.53
C ASP D 177 9.98 -26.14 -37.52
N ASN D 178 8.72 -25.99 -37.14
CA ASN D 178 7.65 -25.59 -38.06
C ASN D 178 6.87 -24.44 -37.42
N ALA D 179 7.13 -23.21 -37.85
CA ALA D 179 6.51 -22.05 -37.23
C ALA D 179 4.98 -22.11 -37.32
N GLN D 180 4.46 -22.55 -38.47
CA GLN D 180 3.01 -22.61 -38.65
C GLN D 180 2.37 -23.62 -37.70
N GLN D 181 3.01 -24.77 -37.51
CA GLN D 181 2.45 -25.73 -36.58
C GLN D 181 2.57 -25.24 -35.13
N PHE D 182 3.66 -24.56 -34.79
CA PHE D 182 3.77 -24.05 -33.42
C PHE D 182 2.68 -23.02 -33.14
N LYS D 183 2.46 -22.08 -34.07
CA LYS D 183 1.43 -21.06 -33.88
C LYS D 183 0.05 -21.69 -33.71
N GLN D 184 -0.24 -22.74 -34.49
CA GLN D 184 -1.50 -23.45 -34.32
C GLN D 184 -1.64 -24.05 -32.92
N LEU D 185 -0.58 -24.70 -32.44
CA LEU D 185 -0.61 -25.28 -31.09
C LEU D 185 -0.79 -24.18 -30.05
N TYR D 186 -0.03 -23.08 -30.19
CA TYR D 186 -0.15 -21.95 -29.28
C TYR D 186 -1.57 -21.41 -29.27
N ARG D 187 -2.15 -21.24 -30.47
CA ARG D 187 -3.50 -20.69 -30.53
C ARG D 187 -4.50 -21.64 -29.90
N ALA D 188 -4.32 -22.95 -30.11
CA ALA D 188 -5.25 -23.90 -29.52
C ALA D 188 -5.16 -23.87 -27.99
N ARG D 189 -3.94 -23.74 -27.43
CA ARG D 189 -3.81 -23.64 -25.99
C ARG D 189 -4.40 -22.32 -25.49
N MET D 190 -4.12 -21.22 -26.19
CA MET D 190 -4.71 -19.94 -25.82
C MET D 190 -6.23 -20.02 -25.77
N ASN D 191 -6.83 -20.68 -26.77
CA ASN D 191 -8.29 -20.74 -26.85
C ASN D 191 -8.89 -21.70 -25.84
N ALA D 192 -8.10 -22.56 -25.21
CA ALA D 192 -8.61 -23.42 -24.15
C ALA D 192 -8.55 -22.79 -22.77
N LEU D 193 -7.94 -21.60 -22.63
CA LEU D 193 -7.88 -20.94 -21.34
C LEU D 193 -9.29 -20.63 -20.84
N ASP D 194 -9.52 -20.87 -19.55
CA ASP D 194 -10.84 -20.64 -18.97
C ASP D 194 -10.97 -19.16 -18.63
N LEU D 195 -11.44 -18.37 -19.59
CA LEU D 195 -11.57 -16.92 -19.44
C LEU D 195 -12.99 -16.52 -19.80
N ASN D 196 -13.60 -15.66 -18.97
CA ASN D 196 -14.91 -15.14 -19.33
C ASN D 196 -14.77 -14.08 -20.44
N MET D 197 -15.93 -13.68 -21.00
CA MET D 197 -15.94 -12.76 -22.13
C MET D 197 -15.32 -11.41 -21.76
N LYS D 198 -15.55 -10.95 -20.53
CA LYS D 198 -15.02 -9.66 -20.13
C LYS D 198 -13.51 -9.68 -20.01
N THR D 199 -12.93 -10.80 -19.58
CA THR D 199 -11.48 -10.87 -19.54
C THR D 199 -10.90 -10.96 -20.95
N LYS D 200 -11.56 -11.70 -21.84
CA LYS D 200 -11.09 -11.77 -23.21
C LYS D 200 -11.10 -10.38 -23.86
N GLU D 201 -12.17 -9.61 -23.65
CA GLU D 201 -12.23 -8.25 -24.18
C GLU D 201 -11.13 -7.36 -23.57
N ARG D 202 -10.81 -7.56 -22.28
CA ARG D 202 -9.68 -6.86 -21.68
C ARG D 202 -8.36 -7.27 -22.34
N ILE D 203 -8.23 -8.55 -22.70
CA ILE D 203 -7.02 -9.02 -23.38
C ILE D 203 -6.86 -8.35 -24.73
N VAL D 204 -7.97 -8.26 -25.49
CA VAL D 204 -7.95 -7.55 -26.78
C VAL D 204 -7.51 -6.09 -26.58
N GLU D 205 -8.07 -5.42 -25.58
CA GLU D 205 -7.66 -4.05 -25.28
C GLU D 205 -6.16 -3.96 -25.03
N GLU D 206 -5.65 -4.90 -24.23
CA GLU D 206 -4.23 -4.87 -23.91
C GLU D 206 -3.36 -5.18 -25.13
N ALA D 207 -3.84 -6.03 -26.05
CA ALA D 207 -3.08 -6.27 -27.28
C ALA D 207 -3.00 -5.00 -28.14
N ASN D 208 -4.10 -4.23 -28.22
CA ASN D 208 -4.05 -2.95 -28.93
C ASN D 208 -3.04 -2.01 -28.27
N LYS D 209 -2.97 -2.04 -26.94
CA LYS D 209 -1.98 -1.22 -26.24
C LYS D 209 -0.56 -1.66 -26.56
N ALA D 210 -0.32 -2.98 -26.65
CA ALA D 210 0.97 -3.48 -27.10
C ALA D 210 1.32 -2.94 -28.49
N PHE D 211 0.37 -3.03 -29.44
CA PHE D 211 0.65 -2.51 -30.78
C PHE D 211 0.92 -1.00 -30.74
N GLU D 212 0.21 -0.28 -29.87
CA GLU D 212 0.45 1.15 -29.75
C GLU D 212 1.84 1.44 -29.23
N TYR D 213 2.29 0.68 -28.22
CA TYR D 213 3.69 0.83 -27.77
C TYR D 213 4.67 0.50 -28.90
N ASN D 214 4.38 -0.52 -29.73
CA ASN D 214 5.25 -0.79 -30.88
C ASN D 214 5.34 0.42 -31.80
N MET D 215 4.18 1.01 -32.12
CA MET D 215 4.15 2.21 -32.94
C MET D 215 4.97 3.34 -32.33
N GLN D 216 4.83 3.58 -31.02
CA GLN D 216 5.61 4.65 -30.40
C GLN D 216 7.11 4.39 -30.49
N ILE D 217 7.51 3.15 -30.29
CA ILE D 217 8.93 2.80 -30.39
C ILE D 217 9.44 3.03 -31.80
N PHE D 218 8.68 2.57 -32.82
CA PHE D 218 9.07 2.79 -34.22
C PHE D 218 9.23 4.28 -34.52
N ASN D 219 8.29 5.10 -34.06
CA ASN D 219 8.38 6.52 -34.36
C ASN D 219 9.56 7.17 -33.66
N GLU D 220 9.90 6.74 -32.44
CA GLU D 220 11.08 7.30 -31.79
C GLU D 220 12.35 6.92 -32.55
N LEU D 221 12.43 5.68 -33.05
CA LEU D 221 13.56 5.25 -33.85
C LEU D 221 13.67 6.06 -35.15
N ASP D 222 12.54 6.38 -35.78
CA ASP D 222 12.60 7.17 -37.01
C ASP D 222 13.23 8.54 -36.76
N GLN D 223 12.86 9.19 -35.65
CA GLN D 223 13.46 10.47 -35.29
C GLN D 223 14.99 10.38 -35.17
N ALA D 224 15.47 9.40 -34.40
CA ALA D 224 16.90 9.24 -34.17
C ALA D 224 17.68 8.95 -35.46
O1 DAO E . -11.99 9.26 24.39
O2 DAO E . -12.49 8.64 22.34
C1 DAO E . -12.75 8.66 23.58
C2 DAO E . -13.99 7.92 24.10
C3 DAO E . -14.05 8.11 25.62
C4 DAO E . -14.28 6.78 26.32
C5 DAO E . -14.52 7.03 27.81
C6 DAO E . -13.88 5.90 28.60
C7 DAO E . -12.43 5.73 28.13
C8 DAO E . -11.88 4.43 28.71
C9 DAO E . -10.71 4.72 29.66
C10 DAO E . -9.36 4.72 28.92
C11 DAO E . -8.23 4.65 29.96
C12 DAO E . -7.09 5.55 29.51
O1 DAO F . 7.77 -10.62 3.10
O2 DAO F . 6.79 -9.85 1.29
C1 DAO F . 7.81 -9.91 2.06
C2 DAO F . 9.06 -9.09 1.73
C3 DAO F . 10.27 -9.72 2.43
C4 DAO F . 11.54 -8.94 2.09
C5 DAO F . 12.73 -9.56 2.82
C6 DAO F . 13.39 -8.52 3.74
C7 DAO F . 13.37 -8.98 5.20
C8 DAO F . 13.30 -7.75 6.13
C9 DAO F . 13.82 -8.04 7.54
C10 DAO F . 12.66 -8.34 8.51
C11 DAO F . 13.20 -8.90 9.82
C12 DAO F . 12.03 -9.35 10.69
O1 DAO G . 8.83 -4.92 -37.82
O2 DAO G . 9.17 -4.39 -39.94
C1 DAO G . 9.60 -4.51 -38.75
C2 DAO G . 11.07 -4.16 -38.48
C3 DAO G . 11.56 -4.92 -37.25
C4 DAO G . 12.99 -4.45 -36.94
C5 DAO G . 13.20 -4.34 -35.43
C6 DAO G . 12.15 -3.43 -34.79
C7 DAO G . 12.65 -2.85 -33.45
C8 DAO G . 11.48 -2.26 -32.64
C9 DAO G . 11.51 -2.75 -31.18
C10 DAO G . 10.14 -3.33 -30.79
C11 DAO G . 10.11 -3.60 -29.29
C12 DAO G . 8.81 -4.32 -28.91
#